data_2P1R
#
_entry.id   2P1R
#
_cell.length_a   107.000
_cell.length_b   70.990
_cell.length_c   102.160
_cell.angle_alpha   90.00
_cell.angle_beta   118.51
_cell.angle_gamma   90.00
#
_symmetry.space_group_name_H-M   'P 1 21 1'
#
loop_
_entity.id
_entity.type
_entity.pdbx_description
1 polymer 'Lipid kinase yegS'
2 non-polymer 'SODIUM ION'
3 non-polymer 'CALCIUM ION'
4 non-polymer 'CHLORIDE ION'
5 water water
#
_entity_poly.entity_id   1
_entity_poly.type   'polypeptide(L)'
_entity_poly.pdbx_seq_one_letter_code
;(MSE)ANFPASLLILNGKSADNQPLREAITLLRDEGIQIHVRVTWEKGDAQRYVDEARRLGVETVIAGGGDGTINEVSTA
LIQIRDGVAPALGLLPLGTANDFATSAGIPEALDKALKLAIAGNA(MSE)EID(MSE)A(MSE)VNDKTCFIN(MSE)AT
GGFGTRITTETPEKLKAALGGVSYLIHGL(MSE)R(MSE)DTLTPDRCEIRGENFHWQGDALVIGIGNGRQAGGGQQLCP
TALINDGLLQLRIFTGEELLPALFSTLTQSDDNPNIIDGASAWFDIHAPHEITFNLDGEPLSGQEFHIEVLPGALRCRLP
PDCPLLR
;
_entity_poly.pdbx_strand_id   A,B,C,D
#
loop_
_chem_comp.id
_chem_comp.type
_chem_comp.name
_chem_comp.formula
CA non-polymer 'CALCIUM ION' 'Ca 2'
CL non-polymer 'CHLORIDE ION' 'Cl -1'
NA non-polymer 'SODIUM ION' 'Na 1'
#
# COMPACT_ATOMS: atom_id res chain seq x y z
N MSE A 1 32.41 -40.36 17.80
CA MSE A 1 32.39 -41.81 18.14
C MSE A 1 31.27 -42.14 19.12
O MSE A 1 30.87 -43.30 19.26
CB MSE A 1 33.74 -42.22 18.73
CG MSE A 1 33.83 -43.67 19.20
SE MSE A 1 33.34 -44.98 17.84
CE MSE A 1 31.96 -45.92 18.82
N ALA A 2 30.74 -41.12 19.79
CA ALA A 2 29.66 -41.30 20.74
C ALA A 2 28.68 -40.15 20.66
N ASN A 3 28.01 -39.87 21.78
CA ASN A 3 27.04 -38.79 21.84
C ASN A 3 27.76 -37.45 21.67
N PHE A 4 29.05 -37.43 21.98
CA PHE A 4 29.86 -36.23 21.86
C PHE A 4 31.20 -36.53 21.22
N PRO A 5 31.25 -36.66 19.88
CA PRO A 5 32.56 -36.95 19.28
C PRO A 5 33.53 -35.84 19.67
N ALA A 6 34.82 -36.14 19.62
CA ALA A 6 35.82 -35.14 19.96
C ALA A 6 35.67 -33.96 18.98
N SER A 7 35.88 -32.75 19.48
CA SER A 7 35.78 -31.57 18.63
C SER A 7 37.01 -30.69 18.80
N LEU A 8 37.19 -29.76 17.86
CA LEU A 8 38.31 -28.82 17.87
C LEU A 8 37.67 -27.47 17.61
N LEU A 9 37.70 -26.61 18.63
CA LEU A 9 37.12 -25.28 18.51
C LEU A 9 38.13 -24.29 17.94
N ILE A 10 37.75 -23.63 16.86
CA ILE A 10 38.59 -22.63 16.24
C ILE A 10 38.02 -21.27 16.66
N LEU A 11 38.55 -20.77 17.76
CA LEU A 11 38.11 -19.51 18.36
C LEU A 11 38.81 -18.28 17.81
N ASN A 12 38.04 -17.43 17.13
CA ASN A 12 38.59 -16.21 16.56
C ASN A 12 39.11 -15.31 17.69
N GLY A 13 40.34 -14.85 17.55
CA GLY A 13 40.96 -14.02 18.57
C GLY A 13 40.08 -12.99 19.26
N LYS A 14 39.31 -12.24 18.46
CA LYS A 14 38.42 -11.21 18.98
C LYS A 14 37.46 -11.68 20.06
N SER A 15 37.42 -12.99 20.29
CA SER A 15 36.53 -13.55 21.31
C SER A 15 37.25 -14.59 22.16
N ALA A 16 38.56 -14.41 22.32
CA ALA A 16 39.36 -15.33 23.11
C ALA A 16 39.16 -15.12 24.61
N ASP A 17 38.82 -13.89 24.98
CA ASP A 17 38.61 -13.54 26.38
C ASP A 17 37.21 -13.79 26.91
N ASN A 18 36.37 -14.43 26.11
CA ASN A 18 34.98 -14.73 26.50
C ASN A 18 34.96 -15.64 27.72
N GLN A 19 34.58 -15.12 28.88
CA GLN A 19 34.55 -15.92 30.09
C GLN A 19 33.49 -17.02 30.11
N PRO A 20 32.26 -16.70 29.68
CA PRO A 20 31.20 -17.71 29.67
C PRO A 20 31.58 -18.94 28.82
N LEU A 21 32.07 -18.67 27.61
CA LEU A 21 32.47 -19.75 26.71
C LEU A 21 33.46 -20.68 27.43
N ARG A 22 34.51 -20.08 28.00
CA ARG A 22 35.51 -20.84 28.72
C ARG A 22 34.86 -21.63 29.85
N GLU A 23 33.83 -21.08 30.46
CA GLU A 23 33.17 -21.79 31.55
C GLU A 23 32.41 -23.02 31.05
N ALA A 24 31.76 -22.89 29.90
CA ALA A 24 30.99 -23.99 29.31
C ALA A 24 31.91 -25.14 28.92
N ILE A 25 32.91 -24.82 28.11
CA ILE A 25 33.90 -25.79 27.64
C ILE A 25 34.45 -26.59 28.80
N THR A 26 34.75 -25.90 29.89
CA THR A 26 35.32 -26.53 31.07
C THR A 26 34.41 -27.58 31.69
N LEU A 27 33.11 -27.29 31.74
CA LEU A 27 32.16 -28.24 32.31
C LEU A 27 32.01 -29.47 31.41
N LEU A 28 31.99 -29.26 30.11
CA LEU A 28 31.88 -30.38 29.19
C LEU A 28 33.16 -31.20 29.22
N ARG A 29 34.29 -30.51 29.42
CA ARG A 29 35.56 -31.20 29.47
C ARG A 29 35.65 -32.02 30.75
N ASP A 30 34.86 -31.65 31.76
CA ASP A 30 34.84 -32.38 33.02
C ASP A 30 34.09 -33.70 32.87
N GLU A 31 33.04 -33.67 32.06
CA GLU A 31 32.23 -34.84 31.82
C GLU A 31 32.92 -35.85 30.91
N GLY A 32 34.22 -35.64 30.65
CA GLY A 32 34.97 -36.55 29.82
C GLY A 32 34.99 -36.20 28.35
N ILE A 33 34.19 -35.19 27.96
CA ILE A 33 34.11 -34.77 26.58
C ILE A 33 35.42 -34.06 26.20
N GLN A 34 35.95 -34.40 25.02
CA GLN A 34 37.21 -33.81 24.58
C GLN A 34 37.02 -32.66 23.59
N ILE A 35 37.44 -31.48 24.00
CA ILE A 35 37.30 -30.28 23.19
C ILE A 35 38.62 -29.51 23.05
N HIS A 36 39.25 -29.63 21.89
CA HIS A 36 40.50 -28.92 21.63
C HIS A 36 40.22 -27.46 21.29
N VAL A 37 41.08 -26.57 21.76
CA VAL A 37 40.89 -25.16 21.50
C VAL A 37 42.09 -24.54 20.83
N ARG A 38 41.85 -23.80 19.76
CA ARG A 38 42.90 -23.12 19.03
C ARG A 38 42.36 -21.75 18.73
N VAL A 39 43.16 -20.71 18.95
CA VAL A 39 42.68 -19.37 18.67
C VAL A 39 43.48 -18.69 17.58
N THR A 40 42.75 -18.21 16.57
CA THR A 40 43.33 -17.55 15.42
C THR A 40 43.76 -16.13 15.73
N TRP A 41 44.60 -15.57 14.87
CA TRP A 41 45.08 -14.21 15.05
C TRP A 41 44.98 -13.48 13.73
N GLU A 42 45.09 -14.21 12.62
CA GLU A 42 45.03 -13.60 11.28
C GLU A 42 44.67 -14.61 10.18
N LYS A 43 44.42 -14.10 8.97
CA LYS A 43 44.08 -14.95 7.84
C LYS A 43 45.11 -16.07 7.70
N GLY A 44 44.63 -17.28 7.44
CA GLY A 44 45.51 -18.42 7.29
C GLY A 44 45.49 -19.36 8.49
N ASP A 45 45.35 -18.80 9.69
CA ASP A 45 45.34 -19.62 10.90
C ASP A 45 44.27 -20.69 10.88
N ALA A 46 43.05 -20.31 10.53
CA ALA A 46 41.94 -21.26 10.47
C ALA A 46 42.34 -22.51 9.68
N GLN A 47 42.93 -22.31 8.51
CA GLN A 47 43.36 -23.44 7.69
C GLN A 47 44.39 -24.30 8.44
N ARG A 48 45.33 -23.65 9.14
CA ARG A 48 46.37 -24.38 9.87
C ARG A 48 45.75 -25.27 10.95
N TYR A 49 44.74 -24.76 11.64
CA TYR A 49 44.13 -25.56 12.69
C TYR A 49 43.18 -26.62 12.16
N VAL A 50 42.59 -26.39 11.00
CA VAL A 50 41.73 -27.42 10.44
C VAL A 50 42.61 -28.62 10.09
N ASP A 51 43.82 -28.35 9.59
CA ASP A 51 44.72 -29.45 9.25
C ASP A 51 45.10 -30.20 10.51
N GLU A 52 45.23 -29.47 11.60
CA GLU A 52 45.58 -30.08 12.86
C GLU A 52 44.41 -30.88 13.42
N ALA A 53 43.20 -30.35 13.22
CA ALA A 53 41.99 -31.04 13.69
C ALA A 53 41.93 -32.39 13.00
N ARG A 54 42.34 -32.42 11.73
CA ARG A 54 42.36 -33.67 10.97
C ARG A 54 43.31 -34.67 11.63
N ARG A 55 44.57 -34.27 11.82
CA ARG A 55 45.55 -35.15 12.44
C ARG A 55 45.10 -35.65 13.82
N LEU A 56 44.23 -34.89 14.47
CA LEU A 56 43.74 -35.27 15.80
C LEU A 56 42.47 -36.12 15.68
N GLY A 57 42.11 -36.44 14.44
CA GLY A 57 40.93 -37.25 14.18
C GLY A 57 39.62 -36.82 14.82
N VAL A 58 39.39 -35.51 14.94
CA VAL A 58 38.15 -35.05 15.55
C VAL A 58 37.04 -35.16 14.51
N GLU A 59 35.82 -35.29 14.99
CA GLU A 59 34.67 -35.40 14.09
C GLU A 59 33.99 -34.06 13.86
N THR A 60 34.42 -33.03 14.58
CA THR A 60 33.83 -31.71 14.42
C THR A 60 34.80 -30.56 14.62
N VAL A 61 34.73 -29.58 13.72
CA VAL A 61 35.55 -28.39 13.81
C VAL A 61 34.53 -27.26 14.01
N ILE A 62 34.56 -26.63 15.18
CA ILE A 62 33.59 -25.57 15.48
C ILE A 62 34.13 -24.16 15.22
N ALA A 63 33.42 -23.41 14.39
CA ALA A 63 33.82 -22.05 14.07
C ALA A 63 33.29 -21.11 15.15
N GLY A 64 34.20 -20.56 15.94
CA GLY A 64 33.79 -19.65 17.01
C GLY A 64 34.01 -18.22 16.61
N GLY A 65 33.06 -17.67 15.88
CA GLY A 65 33.18 -16.30 15.42
C GLY A 65 32.02 -15.96 14.52
N GLY A 66 32.19 -14.91 13.73
CA GLY A 66 31.10 -14.51 12.84
C GLY A 66 31.12 -15.24 11.53
N ASP A 67 30.37 -14.73 10.57
CA ASP A 67 30.30 -15.34 9.26
C ASP A 67 31.72 -15.45 8.69
N GLY A 68 32.54 -14.45 8.97
CA GLY A 68 33.91 -14.45 8.47
C GLY A 68 34.67 -15.68 8.94
N THR A 69 34.57 -15.99 10.22
CA THR A 69 35.26 -17.13 10.76
C THR A 69 34.68 -18.42 10.20
N ILE A 70 33.35 -18.47 10.05
CA ILE A 70 32.70 -19.66 9.52
C ILE A 70 33.20 -19.93 8.11
N ASN A 71 33.33 -18.86 7.32
CA ASN A 71 33.83 -19.01 5.96
C ASN A 71 35.21 -19.62 5.93
N GLU A 72 36.14 -19.05 6.71
CA GLU A 72 37.52 -19.53 6.76
C GLU A 72 37.58 -21.02 7.08
N VAL A 73 36.81 -21.44 8.08
CA VAL A 73 36.80 -22.85 8.45
C VAL A 73 36.16 -23.69 7.35
N SER A 74 35.01 -23.27 6.84
CA SER A 74 34.33 -24.03 5.78
C SER A 74 35.17 -24.18 4.51
N THR A 75 35.84 -23.09 4.14
CA THR A 75 36.70 -23.11 2.97
C THR A 75 37.83 -24.13 3.09
N ALA A 76 38.39 -24.28 4.30
CA ALA A 76 39.46 -25.24 4.51
C ALA A 76 38.89 -26.65 4.53
N LEU A 77 37.76 -26.79 5.20
CA LEU A 77 37.05 -28.05 5.33
C LEU A 77 36.61 -28.60 3.95
N ILE A 78 36.21 -27.69 3.06
CA ILE A 78 35.75 -28.06 1.73
C ILE A 78 36.88 -28.65 0.88
N GLN A 79 38.12 -28.36 1.27
CA GLN A 79 39.26 -28.84 0.53
C GLN A 79 39.74 -30.23 0.92
N ILE A 80 39.14 -30.79 1.96
CA ILE A 80 39.51 -32.13 2.39
C ILE A 80 38.85 -33.18 1.50
N ARG A 81 39.69 -33.96 0.81
CA ARG A 81 39.20 -35.02 -0.08
C ARG A 81 39.55 -36.37 0.53
N ASP A 82 40.62 -36.38 1.31
CA ASP A 82 41.10 -37.60 1.95
C ASP A 82 40.13 -38.17 2.97
N GLY A 83 39.24 -39.02 2.48
CA GLY A 83 38.27 -39.65 3.36
C GLY A 83 37.13 -38.73 3.75
N VAL A 84 36.77 -38.75 5.03
CA VAL A 84 35.69 -37.92 5.52
C VAL A 84 36.20 -36.76 6.36
N ALA A 85 35.88 -35.55 5.94
CA ALA A 85 36.28 -34.35 6.64
C ALA A 85 35.41 -34.17 7.88
N PRO A 86 35.88 -33.39 8.84
CA PRO A 86 35.10 -33.16 10.06
C PRO A 86 33.87 -32.32 9.74
N ALA A 87 32.82 -32.47 10.53
CA ALA A 87 31.61 -31.69 10.33
C ALA A 87 31.83 -30.28 10.85
N LEU A 88 31.09 -29.33 10.31
CA LEU A 88 31.18 -27.93 10.75
C LEU A 88 30.23 -27.71 11.91
N GLY A 89 30.72 -27.10 12.99
CA GLY A 89 29.91 -26.79 14.15
C GLY A 89 29.79 -25.29 14.23
N LEU A 90 28.65 -24.78 14.71
CA LEU A 90 28.45 -23.33 14.78
C LEU A 90 28.25 -22.75 16.18
N LEU A 91 28.73 -21.52 16.34
CA LEU A 91 28.64 -20.80 17.60
C LEU A 91 28.12 -19.38 17.33
N PRO A 92 27.34 -18.82 18.25
CA PRO A 92 26.82 -17.46 18.03
C PRO A 92 27.75 -16.33 18.50
N LEU A 93 29.01 -16.36 18.04
CA LEU A 93 29.98 -15.33 18.42
C LEU A 93 30.31 -14.47 17.21
N GLY A 94 31.08 -13.42 17.43
CA GLY A 94 31.44 -12.55 16.33
C GLY A 94 30.45 -11.42 16.07
N THR A 95 30.96 -10.35 15.49
CA THR A 95 30.16 -9.17 15.17
C THR A 95 29.04 -9.52 14.22
N ALA A 96 29.42 -10.06 13.06
CA ALA A 96 28.47 -10.43 12.04
C ALA A 96 28.18 -11.93 12.09
N ASN A 97 26.99 -12.28 12.56
CA ASN A 97 26.60 -13.68 12.63
C ASN A 97 25.23 -13.98 12.03
N ASP A 98 25.01 -13.50 10.80
CA ASP A 98 23.75 -13.71 10.11
C ASP A 98 23.43 -15.19 9.84
N PHE A 99 24.42 -15.97 9.40
CA PHE A 99 24.22 -17.37 9.10
C PHE A 99 23.75 -18.18 10.32
N ALA A 100 24.55 -18.17 11.38
CA ALA A 100 24.18 -18.88 12.61
C ALA A 100 22.79 -18.44 13.08
N THR A 101 22.51 -17.14 12.97
CA THR A 101 21.23 -16.61 13.39
C THR A 101 20.12 -17.23 12.55
N SER A 102 20.22 -17.10 11.24
CA SER A 102 19.22 -17.63 10.34
C SER A 102 19.09 -19.15 10.45
N ALA A 103 20.17 -19.83 10.81
CA ALA A 103 20.14 -21.29 10.95
C ALA A 103 19.38 -21.66 12.20
N GLY A 104 19.16 -20.67 13.05
CA GLY A 104 18.45 -20.92 14.29
C GLY A 104 19.23 -21.67 15.34
N ILE A 105 20.54 -21.46 15.43
CA ILE A 105 21.32 -22.16 16.46
C ILE A 105 21.09 -21.40 17.76
N PRO A 106 21.18 -22.09 18.91
CA PRO A 106 20.96 -21.47 20.22
C PRO A 106 21.76 -20.20 20.51
N GLU A 107 21.09 -19.22 21.13
CA GLU A 107 21.71 -17.95 21.47
C GLU A 107 22.60 -18.16 22.69
N ALA A 108 22.22 -19.13 23.52
CA ALA A 108 22.99 -19.43 24.72
C ALA A 108 24.19 -20.29 24.34
N LEU A 109 25.37 -19.88 24.79
CA LEU A 109 26.59 -20.62 24.46
C LEU A 109 26.59 -22.06 24.90
N ASP A 110 26.24 -22.32 26.15
CA ASP A 110 26.24 -23.70 26.64
C ASP A 110 25.33 -24.60 25.76
N LYS A 111 24.18 -24.07 25.36
CA LYS A 111 23.25 -24.84 24.52
C LYS A 111 23.74 -25.00 23.09
N ALA A 112 24.27 -23.91 22.51
CA ALA A 112 24.77 -23.92 21.15
C ALA A 112 26.04 -24.73 21.04
N LEU A 113 26.80 -24.79 22.14
CA LEU A 113 28.05 -25.54 22.17
C LEU A 113 27.73 -27.03 22.17
N LYS A 114 26.64 -27.41 22.85
CA LYS A 114 26.28 -28.82 22.90
C LYS A 114 25.72 -29.28 21.55
N LEU A 115 25.03 -28.38 20.85
CA LEU A 115 24.48 -28.74 19.54
C LEU A 115 25.66 -28.91 18.58
N ALA A 116 26.62 -28.00 18.68
CA ALA A 116 27.81 -28.02 17.83
C ALA A 116 28.64 -29.29 18.01
N ILE A 117 28.47 -29.96 19.15
CA ILE A 117 29.21 -31.17 19.45
C ILE A 117 28.39 -32.45 19.24
N ALA A 118 27.20 -32.49 19.83
CA ALA A 118 26.34 -33.67 19.73
C ALA A 118 25.28 -33.63 18.62
N GLY A 119 24.90 -32.43 18.20
CA GLY A 119 23.89 -32.31 17.15
C GLY A 119 24.15 -33.10 15.89
N ASN A 120 23.08 -33.42 15.16
CA ASN A 120 23.21 -34.18 13.92
C ASN A 120 23.77 -33.35 12.79
N ALA A 121 24.47 -34.01 11.88
CA ALA A 121 25.07 -33.33 10.73
C ALA A 121 24.25 -33.54 9.46
N MSE A 122 24.21 -32.52 8.60
CA MSE A 122 23.49 -32.61 7.34
C MSE A 122 24.36 -31.99 6.27
O MSE A 122 25.05 -31.00 6.52
CB MSE A 122 22.15 -31.86 7.38
CG MSE A 122 21.09 -32.52 8.22
SE MSE A 122 21.38 -32.11 10.07
CE MSE A 122 19.68 -31.31 10.48
N GLU A 123 24.32 -32.58 5.10
CA GLU A 123 25.13 -32.07 4.01
C GLU A 123 24.54 -30.77 3.52
N ILE A 124 25.36 -29.72 3.47
CA ILE A 124 24.89 -28.43 2.99
C ILE A 124 25.76 -27.90 1.88
N ASP A 125 25.25 -26.87 1.22
CA ASP A 125 25.92 -26.26 0.09
C ASP A 125 26.85 -25.13 0.45
N MSE A 126 27.68 -24.77 -0.51
CA MSE A 126 28.60 -23.67 -0.37
C MSE A 126 28.73 -23.10 -1.76
O MSE A 126 28.58 -23.83 -2.73
CB MSE A 126 29.97 -24.14 0.13
CG MSE A 126 30.82 -22.98 0.63
SE MSE A 126 32.00 -23.42 2.10
CE MSE A 126 33.61 -22.63 1.45
N ALA A 127 28.94 -21.81 -1.87
CA ALA A 127 29.09 -21.18 -3.18
C ALA A 127 30.56 -20.82 -3.38
N MSE A 128 30.99 -20.84 -4.64
CA MSE A 128 32.36 -20.49 -4.97
C MSE A 128 32.31 -19.51 -6.12
O MSE A 128 31.52 -19.68 -7.06
CB MSE A 128 33.13 -21.73 -5.39
CG MSE A 128 34.58 -21.42 -5.70
SE MSE A 128 35.49 -22.98 -6.26
CE MSE A 128 35.85 -23.76 -4.53
N VAL A 129 33.14 -18.49 -6.06
CA VAL A 129 33.15 -17.50 -7.12
C VAL A 129 34.54 -17.25 -7.69
N ASN A 130 34.61 -17.33 -9.02
CA ASN A 130 35.84 -17.12 -9.76
C ASN A 130 36.95 -18.09 -9.42
N ASP A 131 36.60 -19.26 -8.91
CA ASP A 131 37.56 -20.28 -8.55
C ASP A 131 38.54 -19.90 -7.43
N LYS A 132 38.28 -18.81 -6.71
CA LYS A 132 39.18 -18.41 -5.63
C LYS A 132 38.55 -18.28 -4.26
N THR A 133 37.48 -17.51 -4.14
CA THR A 133 36.83 -17.31 -2.86
C THR A 133 35.46 -17.98 -2.75
N CYS A 134 35.19 -18.52 -1.57
CA CYS A 134 33.91 -19.18 -1.30
C CYS A 134 33.10 -18.37 -0.31
N PHE A 135 31.88 -18.83 -0.03
CA PHE A 135 31.00 -18.20 0.94
C PHE A 135 29.86 -19.17 1.24
N ILE A 136 29.48 -19.24 2.50
CA ILE A 136 28.43 -20.15 2.96
C ILE A 136 27.13 -19.42 3.22
N ASN A 137 27.19 -18.10 3.24
CA ASN A 137 25.99 -17.37 3.50
C ASN A 137 25.46 -16.44 2.44
N MSE A 138 26.11 -15.30 2.28
CA MSE A 138 25.58 -14.32 1.35
C MSE A 138 26.61 -13.52 0.59
O MSE A 138 27.67 -13.18 1.11
CB MSE A 138 24.68 -13.35 2.14
CG MSE A 138 24.08 -12.20 1.34
SE MSE A 138 22.46 -12.69 0.42
CE MSE A 138 21.53 -13.37 1.95
N ALA A 139 26.26 -13.21 -0.66
CA ALA A 139 27.11 -12.41 -1.52
C ALA A 139 26.25 -11.24 -1.95
N THR A 140 26.66 -10.04 -1.59
CA THR A 140 25.92 -8.86 -1.96
C THR A 140 26.84 -7.99 -2.79
N GLY A 141 26.25 -7.26 -3.73
CA GLY A 141 27.04 -6.39 -4.58
C GLY A 141 26.25 -5.13 -4.80
N GLY A 142 26.94 -4.00 -4.84
CA GLY A 142 26.27 -2.73 -5.04
C GLY A 142 26.93 -1.95 -6.12
N PHE A 143 26.14 -1.16 -6.85
CA PHE A 143 26.68 -0.34 -7.92
C PHE A 143 26.75 1.07 -7.37
N GLY A 144 27.78 1.79 -7.77
CA GLY A 144 27.94 3.16 -7.30
C GLY A 144 29.37 3.48 -6.97
N THR A 145 29.60 3.99 -5.78
CA THR A 145 30.93 4.38 -5.35
C THR A 145 31.28 3.74 -3.99
N ARG A 146 32.48 3.18 -3.90
CA ARG A 146 32.93 2.55 -2.65
C ARG A 146 33.25 3.63 -1.61
N ILE A 147 33.41 3.22 -0.36
CA ILE A 147 33.73 4.16 0.69
C ILE A 147 35.09 4.82 0.44
N THR A 148 35.08 6.13 0.19
CA THR A 148 36.31 6.87 -0.06
C THR A 148 36.78 7.55 1.22
N THR A 149 38.09 7.75 1.31
CA THR A 149 38.68 8.38 2.48
C THR A 149 38.34 9.87 2.53
N LEU A 159 25.78 2.90 12.10
CA LEU A 159 25.99 1.76 12.99
C LEU A 159 24.65 1.14 13.38
N GLY A 160 24.01 0.46 12.43
CA GLY A 160 22.73 -0.18 12.67
C GLY A 160 21.81 -0.12 11.47
N GLY A 161 20.93 -1.12 11.36
CA GLY A 161 19.98 -1.16 10.27
C GLY A 161 20.53 -0.99 8.86
N VAL A 162 19.62 -0.73 7.92
CA VAL A 162 19.94 -0.54 6.51
C VAL A 162 21.17 0.30 6.24
N SER A 163 21.49 1.21 7.16
CA SER A 163 22.66 2.07 6.99
C SER A 163 23.90 1.22 7.22
N TYR A 164 23.77 0.24 8.10
CA TYR A 164 24.86 -0.66 8.44
C TYR A 164 25.18 -1.58 7.26
N LEU A 165 24.13 -2.08 6.62
CA LEU A 165 24.28 -2.98 5.48
C LEU A 165 24.98 -2.32 4.31
N ILE A 166 24.53 -1.11 3.98
CA ILE A 166 25.07 -0.34 2.87
C ILE A 166 26.48 0.17 3.12
N HIS A 167 26.63 1.01 4.14
CA HIS A 167 27.94 1.59 4.46
C HIS A 167 28.85 0.62 5.19
N GLY A 168 28.27 -0.30 5.95
CA GLY A 168 29.08 -1.24 6.71
C GLY A 168 29.50 -2.48 5.94
N LEU A 169 28.60 -3.44 5.81
CA LEU A 169 28.89 -4.69 5.13
C LEU A 169 29.33 -4.50 3.68
N MSE A 170 28.59 -3.72 2.91
CA MSE A 170 28.92 -3.48 1.51
C MSE A 170 30.01 -2.44 1.30
O MSE A 170 30.58 -2.33 0.21
CB MSE A 170 27.66 -3.11 0.73
CG MSE A 170 26.66 -4.25 0.62
SE MSE A 170 24.95 -3.74 -0.15
CE MSE A 170 25.54 -3.24 -1.91
N ARG A 171 30.32 -1.68 2.35
CA ARG A 171 31.36 -0.66 2.30
C ARG A 171 31.14 0.28 1.11
N MSE A 172 29.89 0.67 0.93
CA MSE A 172 29.49 1.57 -0.16
C MSE A 172 29.28 2.99 0.34
O MSE A 172 28.78 3.21 1.45
CB MSE A 172 28.19 1.07 -0.79
CG MSE A 172 28.29 -0.29 -1.48
SE MSE A 172 29.41 -0.24 -3.05
CE MSE A 172 30.99 -1.06 -2.30
N ASP A 173 29.67 3.97 -0.47
CA ASP A 173 29.49 5.37 -0.12
C ASP A 173 28.04 5.73 -0.44
N THR A 174 27.71 5.69 -1.72
CA THR A 174 26.36 6.00 -2.18
C THR A 174 25.98 5.01 -3.27
N LEU A 175 24.81 4.39 -3.12
CA LEU A 175 24.32 3.44 -4.10
C LEU A 175 23.76 4.19 -5.31
N THR A 176 24.09 3.73 -6.51
CA THR A 176 23.62 4.37 -7.73
C THR A 176 23.47 3.33 -8.83
N PRO A 177 22.23 3.06 -9.27
CA PRO A 177 21.96 2.07 -10.31
C PRO A 177 22.93 2.13 -11.48
N ASP A 178 23.34 0.96 -11.95
CA ASP A 178 24.27 0.86 -13.07
C ASP A 178 23.98 -0.40 -13.87
N ARG A 179 24.35 -0.41 -15.15
CA ARG A 179 24.08 -1.57 -16.00
C ARG A 179 24.88 -2.81 -15.62
N CYS A 180 24.22 -3.96 -15.74
CA CYS A 180 24.85 -5.25 -15.46
C CYS A 180 24.05 -6.33 -16.18
N GLU A 181 24.70 -7.43 -16.53
CA GLU A 181 24.00 -8.53 -17.20
C GLU A 181 24.14 -9.77 -16.33
N ILE A 182 23.04 -10.47 -16.10
CA ILE A 182 23.04 -11.67 -15.25
C ILE A 182 22.45 -12.90 -15.94
N ARG A 183 23.15 -14.04 -15.83
CA ARG A 183 22.70 -15.30 -16.42
C ARG A 183 22.61 -16.45 -15.43
N GLY A 184 21.64 -17.33 -15.65
CA GLY A 184 21.43 -18.48 -14.79
C GLY A 184 20.89 -19.62 -15.63
N GLU A 185 20.64 -20.78 -15.01
CA GLU A 185 20.12 -21.95 -15.75
C GLU A 185 19.02 -21.59 -16.74
N ASN A 186 17.98 -20.92 -16.25
CA ASN A 186 16.87 -20.51 -17.10
C ASN A 186 16.57 -19.11 -16.67
N PHE A 187 17.62 -18.29 -16.68
CA PHE A 187 17.51 -16.92 -16.23
C PHE A 187 18.45 -16.04 -17.05
N HIS A 188 17.94 -14.95 -17.59
CA HIS A 188 18.78 -14.02 -18.33
C HIS A 188 18.17 -12.62 -18.30
N TRP A 189 18.70 -11.78 -17.42
CA TRP A 189 18.23 -10.40 -17.24
C TRP A 189 19.35 -9.41 -17.52
N GLN A 190 18.97 -8.23 -18.01
CA GLN A 190 19.94 -7.19 -18.32
C GLN A 190 19.30 -5.82 -18.13
N GLY A 191 20.01 -4.91 -17.47
CA GLY A 191 19.48 -3.57 -17.26
C GLY A 191 20.21 -2.82 -16.15
N ASP A 192 19.65 -1.71 -15.70
CA ASP A 192 20.28 -0.95 -14.62
C ASP A 192 19.91 -1.54 -13.28
N ALA A 193 20.91 -1.84 -12.47
CA ALA A 193 20.70 -2.45 -11.17
C ALA A 193 21.29 -1.59 -10.06
N LEU A 194 20.76 -1.76 -8.85
CA LEU A 194 21.22 -1.00 -7.68
C LEU A 194 22.00 -1.89 -6.72
N VAL A 195 21.41 -3.04 -6.40
CA VAL A 195 22.02 -3.99 -5.48
C VAL A 195 21.67 -5.43 -5.88
N ILE A 196 22.66 -6.30 -5.82
CA ILE A 196 22.46 -7.70 -6.18
C ILE A 196 22.70 -8.58 -4.97
N GLY A 197 21.75 -9.46 -4.68
CA GLY A 197 21.89 -10.37 -3.56
C GLY A 197 21.89 -11.80 -4.08
N ILE A 198 22.97 -12.52 -3.81
CA ILE A 198 23.11 -13.91 -4.23
C ILE A 198 23.42 -14.68 -2.97
N GLY A 199 22.45 -15.43 -2.49
CA GLY A 199 22.70 -16.14 -1.25
C GLY A 199 22.43 -17.62 -1.18
N ASN A 200 23.24 -18.28 -0.37
CA ASN A 200 23.11 -19.68 -0.11
C ASN A 200 22.31 -19.62 1.17
N GLY A 201 22.56 -18.55 1.94
CA GLY A 201 21.88 -18.28 3.20
C GLY A 201 20.79 -17.28 2.87
N ARG A 202 20.04 -16.83 3.88
CA ARG A 202 18.95 -15.90 3.61
C ARG A 202 19.13 -14.44 3.98
N GLN A 203 19.94 -14.16 4.99
CA GLN A 203 20.11 -12.78 5.42
C GLN A 203 21.56 -12.36 5.58
N ALA A 204 21.76 -11.05 5.62
CA ALA A 204 23.08 -10.47 5.79
C ALA A 204 22.87 -9.12 6.47
N GLY A 205 23.97 -8.44 6.77
CA GLY A 205 23.89 -7.13 7.41
C GLY A 205 23.02 -7.06 8.66
N GLY A 206 23.03 -8.12 9.45
CA GLY A 206 22.24 -8.13 10.65
C GLY A 206 20.74 -8.04 10.43
N GLY A 207 20.14 -9.17 10.10
CA GLY A 207 18.70 -9.20 9.91
C GLY A 207 18.10 -8.98 8.55
N GLN A 208 18.76 -8.19 7.69
CA GLN A 208 18.21 -7.92 6.36
C GLN A 208 18.00 -9.20 5.55
N GLN A 209 16.73 -9.52 5.29
CA GLN A 209 16.37 -10.71 4.53
C GLN A 209 16.43 -10.41 3.03
N LEU A 210 17.52 -10.80 2.38
CA LEU A 210 17.68 -10.55 0.94
C LEU A 210 17.13 -11.70 0.09
N CYS A 211 17.33 -12.93 0.54
CA CYS A 211 16.86 -14.11 -0.19
C CYS A 211 16.09 -14.98 0.79
N PRO A 212 14.86 -14.56 1.13
CA PRO A 212 13.95 -15.23 2.06
C PRO A 212 13.67 -16.72 1.81
N THR A 213 13.56 -17.12 0.56
CA THR A 213 13.28 -18.52 0.27
C THR A 213 14.48 -19.46 0.34
N ALA A 214 15.69 -18.91 0.26
CA ALA A 214 16.91 -19.71 0.28
C ALA A 214 16.95 -20.88 1.25
N LEU A 215 17.52 -21.98 0.78
CA LEU A 215 17.69 -23.21 1.54
C LEU A 215 19.16 -23.60 1.38
N ILE A 216 19.80 -24.11 2.42
CA ILE A 216 21.21 -24.46 2.32
C ILE A 216 21.52 -25.88 1.87
N ASN A 217 20.50 -26.62 1.45
CA ASN A 217 20.73 -27.97 0.98
C ASN A 217 19.88 -28.33 -0.25
N ASP A 218 19.72 -27.35 -1.15
CA ASP A 218 18.94 -27.56 -2.36
C ASP A 218 19.78 -27.61 -3.64
N GLY A 219 21.07 -27.32 -3.51
CA GLY A 219 21.96 -27.34 -4.66
C GLY A 219 21.70 -26.19 -5.60
N LEU A 220 21.13 -25.12 -5.07
CA LEU A 220 20.81 -23.93 -5.87
C LEU A 220 21.18 -22.66 -5.12
N LEU A 221 21.32 -21.56 -5.85
CA LEU A 221 21.61 -20.28 -5.23
C LEU A 221 20.37 -19.43 -5.49
N GLN A 222 20.13 -18.45 -4.64
CA GLN A 222 18.99 -17.57 -4.81
C GLN A 222 19.55 -16.22 -5.21
N LEU A 223 18.83 -15.55 -6.10
CA LEU A 223 19.24 -14.23 -6.55
C LEU A 223 18.13 -13.21 -6.30
N ARG A 224 18.52 -12.00 -5.88
CA ARG A 224 17.58 -10.92 -5.65
C ARG A 224 18.23 -9.70 -6.25
N ILE A 225 17.55 -9.10 -7.22
CA ILE A 225 18.06 -7.90 -7.87
C ILE A 225 17.15 -6.76 -7.44
N PHE A 226 17.75 -5.70 -6.92
CA PHE A 226 16.97 -4.54 -6.53
C PHE A 226 17.25 -3.51 -7.61
N THR A 227 16.18 -3.05 -8.27
CA THR A 227 16.30 -2.03 -9.31
C THR A 227 15.67 -0.76 -8.76
N GLY A 228 15.85 0.35 -9.46
CA GLY A 228 15.27 1.58 -8.95
C GLY A 228 16.34 2.42 -8.26
N GLU A 229 15.95 3.63 -7.87
CA GLU A 229 16.86 4.56 -7.25
C GLU A 229 17.12 4.41 -5.76
N GLU A 230 16.19 3.80 -5.03
CA GLU A 230 16.33 3.65 -3.59
C GLU A 230 16.34 2.19 -3.15
N LEU A 231 16.97 1.92 -2.01
CA LEU A 231 17.03 0.56 -1.49
C LEU A 231 16.25 0.36 -0.21
N LEU A 232 16.33 1.36 0.68
CA LEU A 232 15.66 1.29 1.97
C LEU A 232 14.22 0.81 2.00
N PRO A 233 13.33 1.49 1.26
CA PRO A 233 11.93 1.07 1.24
C PRO A 233 11.68 -0.40 0.90
N ALA A 234 12.31 -0.90 -0.16
CA ALA A 234 12.16 -2.31 -0.55
C ALA A 234 12.58 -3.24 0.57
N LEU A 235 13.58 -2.83 1.35
CA LEU A 235 14.08 -3.65 2.45
C LEU A 235 13.08 -3.77 3.60
N PHE A 236 12.13 -2.85 3.67
CA PHE A 236 11.15 -2.92 4.73
C PHE A 236 9.81 -3.43 4.26
N SER A 237 9.83 -4.12 3.12
CA SER A 237 8.61 -4.68 2.57
C SER A 237 8.38 -6.10 3.10
N THR A 238 7.11 -6.51 3.12
CA THR A 238 6.74 -7.84 3.59
C THR A 238 7.07 -8.85 2.50
N LEU A 239 6.83 -10.13 2.79
CA LEU A 239 7.12 -11.19 1.84
C LEU A 239 6.24 -11.09 0.60
N THR A 240 5.14 -10.35 0.72
CA THR A 240 4.21 -10.18 -0.39
C THR A 240 4.52 -8.92 -1.17
N GLN A 241 4.63 -7.79 -0.45
CA GLN A 241 4.95 -6.52 -1.10
C GLN A 241 6.20 -6.72 -1.97
N SER A 242 7.03 -7.70 -1.59
CA SER A 242 8.25 -8.00 -2.32
C SER A 242 7.92 -8.66 -3.67
N ASP A 243 7.06 -9.68 -3.65
CA ASP A 243 6.66 -10.37 -4.87
C ASP A 243 5.93 -9.44 -5.82
N ASP A 244 5.35 -8.37 -5.29
CA ASP A 244 4.62 -7.44 -6.13
C ASP A 244 5.44 -6.22 -6.50
N ASN A 245 6.60 -6.06 -5.85
CA ASN A 245 7.45 -4.91 -6.13
C ASN A 245 8.09 -5.08 -7.51
N PRO A 246 7.73 -4.22 -8.46
CA PRO A 246 8.29 -4.31 -9.80
C PRO A 246 9.82 -4.15 -9.83
N ASN A 247 10.37 -3.48 -8.82
CA ASN A 247 11.80 -3.25 -8.76
C ASN A 247 12.60 -4.33 -8.01
N ILE A 248 11.93 -5.43 -7.67
CA ILE A 248 12.58 -6.55 -7.01
C ILE A 248 12.42 -7.76 -7.94
N ILE A 249 13.55 -8.35 -8.35
CA ILE A 249 13.52 -9.50 -9.25
C ILE A 249 14.19 -10.69 -8.59
N ASP A 250 13.48 -11.81 -8.55
CA ASP A 250 14.00 -13.02 -7.93
C ASP A 250 14.35 -14.08 -8.96
N GLY A 251 15.33 -14.90 -8.62
CA GLY A 251 15.76 -15.97 -9.49
C GLY A 251 16.46 -17.06 -8.69
N ALA A 252 16.44 -18.28 -9.23
CA ALA A 252 17.10 -19.41 -8.58
C ALA A 252 17.87 -20.17 -9.66
N SER A 253 19.06 -20.63 -9.30
CA SER A 253 19.92 -21.34 -10.21
C SER A 253 21.09 -21.97 -9.48
N ALA A 254 21.72 -22.95 -10.11
CA ALA A 254 22.87 -23.63 -9.54
C ALA A 254 24.11 -22.77 -9.77
N TRP A 255 23.99 -21.78 -10.64
CA TRP A 255 25.08 -20.90 -10.96
C TRP A 255 24.57 -19.57 -11.50
N PHE A 256 25.44 -18.56 -11.48
CA PHE A 256 25.09 -17.25 -11.98
C PHE A 256 26.32 -16.57 -12.56
N ASP A 257 26.15 -15.94 -13.71
CA ASP A 257 27.24 -15.21 -14.32
C ASP A 257 26.85 -13.75 -14.26
N ILE A 258 27.72 -12.95 -13.66
CA ILE A 258 27.45 -11.53 -13.54
C ILE A 258 28.48 -10.78 -14.37
N HIS A 259 28.01 -9.86 -15.20
CA HIS A 259 28.90 -9.04 -16.00
C HIS A 259 28.53 -7.58 -15.78
N ALA A 260 29.47 -6.80 -15.25
CA ALA A 260 29.24 -5.38 -14.99
C ALA A 260 30.23 -4.54 -15.75
N PRO A 261 29.80 -3.94 -16.87
CA PRO A 261 30.64 -3.07 -17.70
C PRO A 261 31.49 -2.14 -16.88
N HIS A 262 30.92 -1.64 -15.79
CA HIS A 262 31.61 -0.73 -14.88
C HIS A 262 31.86 -1.45 -13.57
N GLU A 263 33.08 -1.95 -13.43
CA GLU A 263 33.52 -2.69 -12.25
C GLU A 263 32.56 -2.63 -11.06
N ILE A 264 31.97 -3.77 -10.73
CA ILE A 264 31.05 -3.87 -9.60
C ILE A 264 31.81 -4.44 -8.40
N THR A 265 31.43 -4.02 -7.19
CA THR A 265 32.09 -4.49 -5.99
C THR A 265 31.24 -5.49 -5.22
N PHE A 266 31.74 -6.71 -5.06
CA PHE A 266 31.01 -7.75 -4.34
C PHE A 266 31.49 -7.92 -2.91
N ASN A 267 30.68 -8.59 -2.11
CA ASN A 267 31.02 -8.83 -0.72
C ASN A 267 30.62 -10.25 -0.35
N LEU A 268 31.62 -11.12 -0.23
CA LEU A 268 31.37 -12.51 0.12
C LEU A 268 31.60 -12.75 1.60
N ASP A 269 30.51 -12.64 2.37
CA ASP A 269 30.52 -12.82 3.81
C ASP A 269 31.57 -11.94 4.50
N GLY A 270 31.76 -10.73 3.97
CA GLY A 270 32.73 -9.83 4.56
C GLY A 270 33.90 -9.44 3.66
N GLU A 271 34.58 -10.43 3.10
CA GLU A 271 35.72 -10.14 2.24
C GLU A 271 35.26 -9.67 0.87
N PRO A 272 35.76 -8.51 0.42
CA PRO A 272 35.40 -7.95 -0.88
C PRO A 272 36.14 -8.62 -2.03
N LEU A 273 35.56 -8.49 -3.22
CA LEU A 273 36.13 -9.06 -4.43
C LEU A 273 35.59 -8.22 -5.58
N SER A 274 36.43 -7.35 -6.14
CA SER A 274 35.99 -6.51 -7.23
C SER A 274 36.38 -7.00 -8.60
N GLY A 275 35.61 -6.57 -9.60
CA GLY A 275 35.85 -6.95 -10.96
C GLY A 275 34.61 -6.68 -11.79
N GLN A 276 34.67 -6.99 -13.07
CA GLN A 276 33.54 -6.77 -13.96
C GLN A 276 32.96 -8.11 -14.39
N GLU A 277 33.58 -9.20 -13.93
CA GLU A 277 33.13 -10.56 -14.25
C GLU A 277 33.03 -11.45 -13.02
N PHE A 278 31.88 -12.09 -12.84
CA PHE A 278 31.70 -12.98 -11.71
C PHE A 278 30.97 -14.25 -12.06
N HIS A 279 31.61 -15.39 -11.77
CA HIS A 279 30.99 -16.67 -12.01
C HIS A 279 30.78 -17.26 -10.64
N ILE A 280 29.53 -17.58 -10.33
CA ILE A 280 29.22 -18.16 -9.02
C ILE A 280 28.59 -19.51 -9.25
N GLU A 281 29.03 -20.50 -8.50
CA GLU A 281 28.49 -21.84 -8.67
C GLU A 281 28.36 -22.50 -7.32
N VAL A 282 27.27 -23.23 -7.13
CA VAL A 282 27.05 -23.92 -5.87
C VAL A 282 27.84 -25.23 -5.84
N LEU A 283 28.28 -25.61 -4.65
CA LEU A 283 29.01 -26.85 -4.45
C LEU A 283 28.10 -27.69 -3.56
N PRO A 284 27.11 -28.35 -4.18
CA PRO A 284 26.12 -29.20 -3.51
C PRO A 284 26.69 -30.14 -2.45
N GLY A 285 26.16 -30.01 -1.23
CA GLY A 285 26.60 -30.84 -0.12
C GLY A 285 28.11 -30.99 0.03
N ALA A 286 28.84 -29.91 -0.20
CA ALA A 286 30.30 -29.93 -0.08
C ALA A 286 30.77 -30.14 1.36
N LEU A 287 29.93 -29.84 2.34
CA LEU A 287 30.30 -30.05 3.74
C LEU A 287 29.11 -30.43 4.61
N ARG A 288 29.41 -30.97 5.78
CA ARG A 288 28.39 -31.36 6.74
C ARG A 288 28.44 -30.31 7.83
N CYS A 289 27.29 -29.94 8.35
CA CYS A 289 27.21 -28.94 9.41
C CYS A 289 26.20 -29.40 10.43
N ARG A 290 26.59 -29.39 11.69
CA ARG A 290 25.66 -29.80 12.72
C ARG A 290 24.63 -28.69 12.86
N LEU A 291 23.36 -29.06 12.65
CA LEU A 291 22.25 -28.13 12.73
C LEU A 291 21.14 -28.68 13.62
N PRO A 292 20.24 -27.79 14.06
CA PRO A 292 19.11 -28.18 14.91
C PRO A 292 18.02 -28.80 14.02
N PRO A 293 17.31 -29.82 14.52
CA PRO A 293 16.26 -30.48 13.75
C PRO A 293 15.33 -29.54 12.96
N ASP A 294 14.82 -28.52 13.64
CA ASP A 294 13.92 -27.54 13.03
C ASP A 294 14.67 -26.36 12.44
N CYS A 295 15.57 -26.63 11.50
CA CYS A 295 16.36 -25.58 10.88
C CYS A 295 15.65 -24.99 9.67
N PRO A 296 15.29 -23.70 9.75
CA PRO A 296 14.58 -22.97 8.68
C PRO A 296 15.25 -22.97 7.32
N LEU A 297 16.56 -23.22 7.30
CA LEU A 297 17.31 -23.22 6.06
C LEU A 297 17.34 -24.58 5.37
N LEU A 298 16.87 -25.61 6.08
CA LEU A 298 16.85 -26.96 5.52
C LEU A 298 15.56 -27.24 4.75
N ARG A 299 15.72 -27.84 3.57
CA ARG A 299 14.63 -28.20 2.69
C ARG A 299 13.76 -29.29 3.29
N MSE B 1 -53.65 11.15 -1.98
CA MSE B 1 -54.89 10.70 -1.29
C MSE B 1 -54.94 9.18 -1.17
O MSE B 1 -55.48 8.64 -0.21
CB MSE B 1 -56.12 11.21 -2.06
CG MSE B 1 -57.46 10.71 -1.51
SE MSE B 1 -57.68 11.02 0.38
CE MSE B 1 -58.03 9.21 0.95
N ALA B 2 -54.37 8.48 -2.16
CA ALA B 2 -54.37 7.02 -2.15
C ALA B 2 -52.98 6.45 -2.42
N ASN B 3 -52.96 5.26 -3.02
CA ASN B 3 -51.71 4.58 -3.34
C ASN B 3 -50.93 5.43 -4.34
N PHE B 4 -51.64 6.16 -5.17
CA PHE B 4 -51.02 6.99 -6.19
C PHE B 4 -51.52 8.42 -6.16
N PRO B 5 -51.05 9.23 -5.19
CA PRO B 5 -51.49 10.63 -5.10
C PRO B 5 -51.23 11.36 -6.42
N ALA B 6 -52.03 12.37 -6.72
CA ALA B 6 -51.82 13.11 -7.96
C ALA B 6 -50.40 13.63 -7.95
N SER B 7 -49.80 13.76 -9.13
CA SER B 7 -48.44 14.26 -9.21
C SER B 7 -48.28 15.18 -10.39
N LEU B 8 -47.21 15.98 -10.36
CA LEU B 8 -46.88 16.93 -11.43
C LEU B 8 -45.41 16.64 -11.75
N LEU B 9 -45.14 16.36 -13.02
CA LEU B 9 -43.79 16.05 -13.45
C LEU B 9 -43.16 17.23 -14.16
N ILE B 10 -42.06 17.72 -13.59
CA ILE B 10 -41.35 18.83 -14.19
C ILE B 10 -40.25 18.18 -15.04
N LEU B 11 -40.48 18.18 -16.34
CA LEU B 11 -39.56 17.56 -17.28
C LEU B 11 -38.60 18.54 -17.93
N ASN B 12 -37.31 18.32 -17.72
CA ASN B 12 -36.28 19.18 -18.28
C ASN B 12 -36.32 19.07 -19.80
N GLY B 13 -36.41 20.20 -20.47
CA GLY B 13 -36.47 20.21 -21.93
C GLY B 13 -35.55 19.22 -22.61
N LYS B 14 -34.34 19.07 -22.08
CA LYS B 14 -33.34 18.18 -22.64
C LYS B 14 -33.78 16.72 -22.71
N SER B 15 -34.89 16.38 -22.07
CA SER B 15 -35.40 15.01 -22.08
C SER B 15 -36.90 14.95 -22.33
N ALA B 16 -37.41 15.89 -23.12
CA ALA B 16 -38.82 15.95 -23.43
C ALA B 16 -39.21 14.87 -24.44
N ASP B 17 -38.33 14.61 -25.40
CA ASP B 17 -38.59 13.61 -26.43
C ASP B 17 -38.27 12.18 -26.02
N ASN B 18 -38.24 11.91 -24.72
CA ASN B 18 -37.97 10.57 -24.22
C ASN B 18 -39.23 9.74 -24.44
N GLN B 19 -39.21 8.87 -25.45
CA GLN B 19 -40.36 8.03 -25.75
C GLN B 19 -40.77 7.07 -24.66
N PRO B 20 -39.82 6.36 -24.05
CA PRO B 20 -40.17 5.42 -22.97
C PRO B 20 -40.90 6.12 -21.82
N LEU B 21 -40.36 7.23 -21.35
CA LEU B 21 -41.00 7.96 -20.26
C LEU B 21 -42.47 8.22 -20.64
N ARG B 22 -42.68 8.72 -21.85
CA ARG B 22 -44.04 9.00 -22.30
C ARG B 22 -44.91 7.75 -22.23
N GLU B 23 -44.40 6.63 -22.72
CA GLU B 23 -45.17 5.40 -22.69
C GLU B 23 -45.54 5.02 -21.26
N ALA B 24 -44.57 5.07 -20.36
CA ALA B 24 -44.79 4.73 -18.96
C ALA B 24 -45.85 5.62 -18.31
N ILE B 25 -45.82 6.90 -18.65
CA ILE B 25 -46.77 7.88 -18.11
C ILE B 25 -48.18 7.59 -18.62
N THR B 26 -48.27 7.20 -19.89
CA THR B 26 -49.56 6.91 -20.50
C THR B 26 -50.22 5.69 -19.88
N LEU B 27 -49.44 4.64 -19.61
CA LEU B 27 -50.00 3.44 -19.01
C LEU B 27 -50.53 3.71 -17.61
N LEU B 28 -49.81 4.53 -16.84
CA LEU B 28 -50.25 4.85 -15.50
C LEU B 28 -51.45 5.79 -15.58
N ARG B 29 -51.46 6.64 -16.61
CA ARG B 29 -52.55 7.58 -16.79
C ARG B 29 -53.84 6.81 -17.14
N ASP B 30 -53.66 5.64 -17.75
CA ASP B 30 -54.78 4.79 -18.14
C ASP B 30 -55.45 4.16 -16.92
N GLU B 31 -54.63 3.80 -15.94
CA GLU B 31 -55.12 3.19 -14.73
C GLU B 31 -55.83 4.19 -13.81
N GLY B 32 -56.10 5.38 -14.33
CA GLY B 32 -56.78 6.40 -13.56
C GLY B 32 -55.88 7.34 -12.78
N ILE B 33 -54.59 7.02 -12.73
CA ILE B 33 -53.62 7.84 -12.02
C ILE B 33 -53.44 9.16 -12.74
N GLN B 34 -53.43 10.26 -11.99
CA GLN B 34 -53.30 11.59 -12.56
C GLN B 34 -51.88 12.12 -12.50
N ILE B 35 -51.30 12.36 -13.67
CA ILE B 35 -49.94 12.84 -13.77
C ILE B 35 -49.81 14.04 -14.69
N HIS B 36 -49.66 15.22 -14.10
CA HIS B 36 -49.52 16.45 -14.88
C HIS B 36 -48.09 16.57 -15.40
N VAL B 37 -47.94 17.10 -16.61
CA VAL B 37 -46.62 17.23 -17.19
C VAL B 37 -46.37 18.64 -17.65
N ARG B 38 -45.22 19.17 -17.23
CA ARG B 38 -44.79 20.51 -17.61
C ARG B 38 -43.34 20.36 -18.01
N VAL B 39 -42.94 21.01 -19.10
CA VAL B 39 -41.57 20.91 -19.55
C VAL B 39 -40.88 22.27 -19.51
N THR B 40 -39.74 22.32 -18.82
CA THR B 40 -38.96 23.54 -18.67
C THR B 40 -38.13 23.85 -19.90
N TRP B 41 -37.72 25.10 -20.01
CA TRP B 41 -36.91 25.53 -21.14
C TRP B 41 -35.70 26.31 -20.64
N GLU B 42 -35.86 26.98 -19.51
CA GLU B 42 -34.77 27.79 -18.93
C GLU B 42 -34.94 28.04 -17.43
N LYS B 43 -33.90 28.60 -16.80
CA LYS B 43 -33.96 28.89 -15.37
C LYS B 43 -35.20 29.71 -15.05
N GLY B 44 -35.86 29.37 -13.95
CA GLY B 44 -37.08 30.07 -13.57
C GLY B 44 -38.34 29.23 -13.80
N ASP B 45 -38.39 28.49 -14.91
CA ASP B 45 -39.56 27.66 -15.24
C ASP B 45 -39.94 26.71 -14.11
N ALA B 46 -38.96 25.97 -13.60
CA ALA B 46 -39.21 25.03 -12.51
C ALA B 46 -40.05 25.68 -11.40
N GLN B 47 -39.64 26.87 -10.97
CA GLN B 47 -40.36 27.58 -9.92
C GLN B 47 -41.81 27.86 -10.35
N ARG B 48 -41.99 28.29 -11.60
CA ARG B 48 -43.33 28.59 -12.12
C ARG B 48 -44.24 27.36 -12.06
N TYR B 49 -43.72 26.19 -12.40
CA TYR B 49 -44.53 24.98 -12.38
C TYR B 49 -44.76 24.44 -10.99
N VAL B 50 -43.82 24.69 -10.09
CA VAL B 50 -44.01 24.22 -8.72
C VAL B 50 -45.17 25.02 -8.13
N ASP B 51 -45.29 26.29 -8.50
CA ASP B 51 -46.39 27.09 -7.98
C ASP B 51 -47.68 26.55 -8.55
N GLU B 52 -47.64 26.13 -9.80
CA GLU B 52 -48.83 25.60 -10.45
C GLU B 52 -49.20 24.25 -9.84
N ALA B 53 -48.18 23.47 -9.48
CA ALA B 53 -48.41 22.16 -8.87
C ALA B 53 -49.16 22.39 -7.57
N ARG B 54 -48.85 23.48 -6.89
CA ARG B 54 -49.53 23.80 -5.64
C ARG B 54 -51.01 24.06 -5.89
N ARG B 55 -51.29 24.98 -6.82
CA ARG B 55 -52.68 25.30 -7.14
C ARG B 55 -53.48 24.07 -7.57
N LEU B 56 -52.79 23.06 -8.10
CA LEU B 56 -53.45 21.84 -8.54
C LEU B 56 -53.54 20.81 -7.42
N GLY B 57 -53.13 21.22 -6.22
CA GLY B 57 -53.17 20.35 -5.07
C GLY B 57 -52.52 18.99 -5.20
N VAL B 58 -51.46 18.87 -5.98
CA VAL B 58 -50.80 17.56 -6.12
C VAL B 58 -49.98 17.30 -4.88
N GLU B 59 -49.77 16.02 -4.58
CA GLU B 59 -49.00 15.63 -3.42
C GLU B 59 -47.54 15.35 -3.75
N THR B 60 -47.19 15.40 -5.04
CA THR B 60 -45.83 15.13 -5.45
C THR B 60 -45.41 15.90 -6.70
N VAL B 61 -44.22 16.48 -6.65
CA VAL B 61 -43.66 17.20 -7.78
C VAL B 61 -42.40 16.39 -8.14
N ILE B 62 -42.42 15.77 -9.32
CA ILE B 62 -41.29 14.94 -9.75
C ILE B 62 -40.29 15.68 -10.61
N ALA B 63 -39.03 15.64 -10.21
CA ALA B 63 -37.98 16.31 -10.98
C ALA B 63 -37.47 15.34 -12.04
N GLY B 64 -37.74 15.67 -13.30
CA GLY B 64 -37.32 14.80 -14.37
C GLY B 64 -36.10 15.35 -15.06
N GLY B 65 -34.94 15.07 -14.49
CA GLY B 65 -33.70 15.56 -15.06
C GLY B 65 -32.55 15.24 -14.13
N GLY B 66 -31.44 15.93 -14.31
CA GLY B 66 -30.29 15.66 -13.46
C GLY B 66 -30.31 16.38 -12.14
N ASP B 67 -29.18 16.37 -11.45
CA ASP B 67 -29.08 17.04 -10.17
C ASP B 67 -29.51 18.50 -10.34
N GLY B 68 -29.20 19.09 -11.48
CA GLY B 68 -29.57 20.48 -11.73
C GLY B 68 -31.07 20.69 -11.65
N THR B 69 -31.81 19.82 -12.30
CA THR B 69 -33.26 19.93 -12.28
C THR B 69 -33.79 19.66 -10.86
N ILE B 70 -33.21 18.67 -10.16
CA ILE B 70 -33.65 18.36 -8.81
C ILE B 70 -33.47 19.56 -7.90
N ASN B 71 -32.35 20.27 -8.07
CA ASN B 71 -32.08 21.46 -7.26
C ASN B 71 -33.15 22.53 -7.50
N GLU B 72 -33.40 22.87 -8.75
CA GLU B 72 -34.38 23.89 -9.10
C GLU B 72 -35.73 23.59 -8.48
N VAL B 73 -36.17 22.33 -8.54
CA VAL B 73 -37.45 21.95 -7.96
C VAL B 73 -37.39 22.02 -6.43
N SER B 74 -36.36 21.42 -5.84
CA SER B 74 -36.21 21.44 -4.38
C SER B 74 -36.14 22.86 -3.80
N THR B 75 -35.41 23.73 -4.48
CA THR B 75 -35.28 25.11 -4.06
C THR B 75 -36.63 25.83 -4.01
N ALA B 76 -37.49 25.57 -4.99
CA ALA B 76 -38.82 26.19 -5.03
C ALA B 76 -39.71 25.56 -3.97
N LEU B 77 -39.62 24.24 -3.83
CA LEU B 77 -40.38 23.48 -2.86
C LEU B 77 -40.03 23.89 -1.41
N ILE B 78 -38.76 24.19 -1.18
CA ILE B 78 -38.29 24.58 0.14
C ILE B 78 -38.89 25.91 0.59
N GLN B 79 -39.29 26.73 -0.39
CA GLN B 79 -39.85 28.04 -0.11
C GLN B 79 -41.33 28.03 0.25
N ILE B 80 -41.97 26.87 0.16
CA ILE B 80 -43.39 26.78 0.49
C ILE B 80 -43.57 26.67 2.00
N ARG B 81 -44.25 27.66 2.57
CA ARG B 81 -44.53 27.69 4.01
C ARG B 81 -46.01 27.47 4.25
N ASP B 82 -46.81 27.87 3.28
CA ASP B 82 -48.26 27.76 3.34
C ASP B 82 -48.72 26.32 3.43
N GLY B 83 -48.84 25.81 4.65
CA GLY B 83 -49.29 24.45 4.85
C GLY B 83 -48.24 23.40 4.52
N VAL B 84 -48.66 22.34 3.84
CA VAL B 84 -47.75 21.28 3.48
C VAL B 84 -47.42 21.30 1.99
N ALA B 85 -46.14 21.39 1.69
CA ALA B 85 -45.69 21.42 0.30
C ALA B 85 -45.69 20.00 -0.26
N PRO B 86 -45.69 19.91 -1.58
CA PRO B 86 -45.69 18.59 -2.22
C PRO B 86 -44.35 17.89 -1.93
N ALA B 87 -44.35 16.56 -1.95
CA ALA B 87 -43.13 15.81 -1.72
C ALA B 87 -42.33 15.82 -3.02
N LEU B 88 -41.02 15.63 -2.92
CA LEU B 88 -40.16 15.59 -4.10
C LEU B 88 -40.05 14.16 -4.59
N GLY B 89 -40.20 13.98 -5.90
CA GLY B 89 -40.10 12.66 -6.50
C GLY B 89 -38.91 12.67 -7.44
N LEU B 90 -38.22 11.54 -7.55
CA LEU B 90 -37.01 11.47 -8.38
C LEU B 90 -37.05 10.53 -9.59
N LEU B 91 -36.40 10.96 -10.66
CA LEU B 91 -36.32 10.21 -11.90
C LEU B 91 -34.85 10.11 -12.35
N PRO B 92 -34.44 8.98 -12.92
CA PRO B 92 -33.04 8.85 -13.36
C PRO B 92 -32.76 9.44 -14.74
N LEU B 93 -33.13 10.70 -14.95
CA LEU B 93 -32.88 11.35 -16.23
C LEU B 93 -31.79 12.41 -16.08
N GLY B 94 -31.41 13.04 -17.18
CA GLY B 94 -30.37 14.05 -17.13
C GLY B 94 -28.94 13.53 -17.21
N THR B 95 -28.05 14.40 -17.68
CA THR B 95 -26.63 14.07 -17.82
C THR B 95 -26.02 13.70 -16.48
N ALA B 96 -26.12 14.63 -15.54
CA ALA B 96 -25.56 14.42 -14.20
C ALA B 96 -26.65 14.01 -13.23
N ASN B 97 -26.63 12.75 -12.80
CA ASN B 97 -27.62 12.27 -11.85
C ASN B 97 -27.00 11.49 -10.69
N ASP B 98 -26.02 12.10 -10.04
CA ASP B 98 -25.37 11.48 -8.90
C ASP B 98 -26.31 11.25 -7.70
N PHE B 99 -27.14 12.24 -7.38
CA PHE B 99 -28.05 12.10 -6.25
C PHE B 99 -29.02 10.93 -6.40
N ALA B 100 -29.80 10.92 -7.47
CA ALA B 100 -30.74 9.83 -7.71
C ALA B 100 -29.99 8.50 -7.68
N THR B 101 -28.82 8.46 -8.30
CA THR B 101 -28.02 7.24 -8.33
C THR B 101 -27.69 6.80 -6.91
N SER B 102 -27.07 7.69 -6.14
CA SER B 102 -26.68 7.37 -4.77
C SER B 102 -27.89 7.04 -3.90
N ALA B 103 -29.03 7.65 -4.20
CA ALA B 103 -30.25 7.39 -3.44
C ALA B 103 -30.76 5.97 -3.72
N GLY B 104 -30.27 5.40 -4.81
CA GLY B 104 -30.68 4.06 -5.17
C GLY B 104 -32.06 3.97 -5.80
N ILE B 105 -32.51 5.00 -6.51
CA ILE B 105 -33.82 4.93 -7.14
C ILE B 105 -33.65 4.05 -8.38
N PRO B 106 -34.73 3.35 -8.79
CA PRO B 106 -34.71 2.46 -9.96
C PRO B 106 -34.15 3.04 -11.25
N GLU B 107 -33.35 2.24 -11.96
CA GLU B 107 -32.75 2.67 -13.22
C GLU B 107 -33.82 2.64 -14.30
N ALA B 108 -34.79 1.73 -14.13
CA ALA B 108 -35.89 1.59 -15.09
C ALA B 108 -36.92 2.69 -14.82
N LEU B 109 -37.30 3.41 -15.88
CA LEU B 109 -38.25 4.51 -15.75
C LEU B 109 -39.60 4.11 -15.18
N ASP B 110 -40.20 3.07 -15.73
CA ASP B 110 -41.49 2.63 -15.23
C ASP B 110 -41.44 2.34 -13.73
N LYS B 111 -40.36 1.70 -13.27
CA LYS B 111 -40.24 1.36 -11.86
C LYS B 111 -39.93 2.59 -11.00
N ALA B 112 -39.07 3.47 -11.51
CA ALA B 112 -38.68 4.69 -10.79
C ALA B 112 -39.83 5.68 -10.77
N LEU B 113 -40.67 5.63 -11.80
CA LEU B 113 -41.81 6.53 -11.88
C LEU B 113 -42.85 6.12 -10.86
N LYS B 114 -42.99 4.81 -10.63
CA LYS B 114 -43.97 4.35 -9.67
C LYS B 114 -43.52 4.67 -8.24
N LEU B 115 -42.20 4.64 -8.00
CA LEU B 115 -41.70 4.94 -6.66
C LEU B 115 -41.90 6.44 -6.42
N ALA B 116 -41.67 7.23 -7.45
CA ALA B 116 -41.82 8.68 -7.38
C ALA B 116 -43.26 9.09 -7.09
N ILE B 117 -44.19 8.19 -7.39
CA ILE B 117 -45.60 8.49 -7.19
C ILE B 117 -46.20 7.82 -5.95
N ALA B 118 -45.95 6.53 -5.79
CA ALA B 118 -46.51 5.80 -4.67
C ALA B 118 -45.57 5.60 -3.49
N GLY B 119 -44.27 5.71 -3.73
CA GLY B 119 -43.28 5.52 -2.67
C GLY B 119 -43.46 6.39 -1.42
N ASN B 120 -42.96 5.92 -0.29
CA ASN B 120 -43.06 6.66 0.96
C ASN B 120 -42.23 7.94 0.93
N ALA B 121 -42.61 8.90 1.75
CA ALA B 121 -41.86 10.16 1.80
C ALA B 121 -41.15 10.27 3.14
N MSE B 122 -39.90 10.75 3.12
CA MSE B 122 -39.13 10.97 4.33
C MSE B 122 -38.60 12.36 4.26
O MSE B 122 -38.29 12.87 3.17
CB MSE B 122 -37.95 10.00 4.46
CG MSE B 122 -38.35 8.57 4.79
SE MSE B 122 -38.97 7.75 3.17
CE MSE B 122 -37.76 6.25 3.13
N GLU B 123 -38.50 13.00 5.42
CA GLU B 123 -38.00 14.36 5.49
C GLU B 123 -36.49 14.30 5.37
N ILE B 124 -35.94 15.02 4.39
CA ILE B 124 -34.49 15.03 4.18
C ILE B 124 -33.95 16.44 4.25
N ASP B 125 -32.62 16.53 4.29
CA ASP B 125 -31.94 17.81 4.42
C ASP B 125 -31.65 18.50 3.11
N MSE B 126 -31.47 19.81 3.21
CA MSE B 126 -31.13 20.63 2.07
C MSE B 126 -29.98 21.47 2.60
O MSE B 126 -29.77 21.54 3.82
CB MSE B 126 -32.30 21.54 1.68
CG MSE B 126 -32.04 22.36 0.44
SE MSE B 126 -33.02 21.73 -1.11
CE MSE B 126 -32.95 23.28 -2.20
N ALA B 127 -29.24 22.11 1.73
CA ALA B 127 -28.13 22.93 2.17
C ALA B 127 -28.20 24.28 1.49
N MSE B 128 -27.97 25.34 2.26
CA MSE B 128 -28.00 26.68 1.72
C MSE B 128 -26.65 27.35 1.92
O MSE B 128 -26.02 27.19 2.96
CB MSE B 128 -29.07 27.49 2.42
CG MSE B 128 -29.28 28.84 1.80
SE MSE B 128 -30.74 29.70 2.68
CE MSE B 128 -32.16 29.15 1.48
N VAL B 129 -26.21 28.08 0.91
CA VAL B 129 -24.93 28.76 0.99
C VAL B 129 -25.08 30.24 0.65
N ASN B 130 -24.55 31.08 1.54
CA ASN B 130 -24.58 32.53 1.41
C ASN B 130 -25.97 33.12 1.29
N ASP B 131 -26.98 32.42 1.81
CA ASP B 131 -28.35 32.91 1.74
C ASP B 131 -28.90 33.08 0.32
N LYS B 132 -28.16 32.64 -0.70
CA LYS B 132 -28.63 32.81 -2.08
C LYS B 132 -28.84 31.56 -2.92
N THR B 133 -28.16 30.46 -2.63
CA THR B 133 -28.35 29.24 -3.42
C THR B 133 -28.32 27.98 -2.56
N CYS B 134 -29.04 26.96 -3.01
CA CYS B 134 -29.11 25.69 -2.29
C CYS B 134 -28.57 24.54 -3.10
N PHE B 135 -28.55 23.36 -2.50
CA PHE B 135 -28.11 22.14 -3.15
C PHE B 135 -28.47 20.98 -2.23
N ILE B 136 -28.89 19.86 -2.81
CA ILE B 136 -29.25 18.72 -1.98
C ILE B 136 -28.22 17.65 -2.12
N ASN B 137 -27.35 17.81 -3.11
CA ASN B 137 -26.36 16.78 -3.28
C ASN B 137 -24.96 17.11 -2.83
N MSE B 138 -24.23 17.81 -3.68
CA MSE B 138 -22.83 18.08 -3.40
C MSE B 138 -22.33 19.45 -3.78
O MSE B 138 -22.74 20.01 -4.80
CB MSE B 138 -22.00 17.02 -4.13
CG MSE B 138 -20.50 17.12 -3.98
SE MSE B 138 -19.93 16.30 -2.35
CE MSE B 138 -20.18 14.47 -2.88
N ALA B 139 -21.43 19.97 -2.94
CA ALA B 139 -20.79 21.25 -3.18
C ALA B 139 -19.30 20.91 -3.23
N THR B 140 -18.65 21.29 -4.33
CA THR B 140 -17.23 21.00 -4.47
C THR B 140 -16.51 22.25 -4.92
N GLY B 141 -15.35 22.52 -4.32
CA GLY B 141 -14.59 23.68 -4.69
C GLY B 141 -13.13 23.30 -4.85
N GLY B 142 -12.48 23.92 -5.82
CA GLY B 142 -11.09 23.61 -6.08
C GLY B 142 -10.27 24.87 -6.23
N PHE B 143 -9.01 24.80 -5.84
CA PHE B 143 -8.13 25.95 -5.94
C PHE B 143 -7.31 25.79 -7.20
N GLY B 144 -7.03 26.91 -7.87
CA GLY B 144 -6.25 26.86 -9.08
C GLY B 144 -6.67 27.90 -10.09
N THR B 145 -6.88 27.45 -11.32
CA THR B 145 -7.29 28.34 -12.39
C THR B 145 -8.54 27.80 -13.09
N ARG B 146 -9.56 28.64 -13.24
CA ARG B 146 -10.79 28.22 -13.90
C ARG B 146 -10.53 28.00 -15.38
N ILE B 147 -11.44 27.30 -16.05
CA ILE B 147 -11.28 27.04 -17.47
C ILE B 147 -11.31 28.35 -18.26
N THR B 148 -10.22 28.62 -18.98
CA THR B 148 -10.10 29.83 -19.79
C THR B 148 -10.23 29.52 -21.28
N THR B 149 -10.87 30.43 -22.01
CA THR B 149 -11.06 30.27 -23.44
C THR B 149 -9.75 29.92 -24.15
N LEU B 159 -13.87 12.88 -21.26
CA LEU B 159 -15.31 12.72 -21.13
C LEU B 159 -15.60 11.50 -20.25
N GLY B 160 -15.11 11.55 -19.02
CA GLY B 160 -15.33 10.45 -18.10
C GLY B 160 -14.29 10.40 -17.00
N GLY B 161 -14.63 9.70 -15.91
CA GLY B 161 -13.72 9.57 -14.79
C GLY B 161 -13.22 10.88 -14.21
N VAL B 162 -12.26 10.76 -13.30
CA VAL B 162 -11.67 11.91 -12.62
C VAL B 162 -11.54 13.14 -13.52
N SER B 163 -11.04 12.95 -14.73
CA SER B 163 -10.88 14.05 -15.67
C SER B 163 -12.20 14.79 -15.92
N TYR B 164 -13.32 14.10 -15.77
CA TYR B 164 -14.63 14.69 -15.98
C TYR B 164 -14.99 15.57 -14.78
N LEU B 165 -14.81 15.01 -13.59
CA LEU B 165 -15.09 15.72 -12.35
C LEU B 165 -14.34 17.05 -12.26
N ILE B 166 -13.04 17.01 -12.51
CA ILE B 166 -12.17 18.19 -12.45
C ILE B 166 -12.46 19.21 -13.54
N HIS B 167 -12.32 18.80 -14.79
CA HIS B 167 -12.53 19.71 -15.91
C HIS B 167 -14.00 19.95 -16.24
N GLY B 168 -14.84 18.95 -16.00
CA GLY B 168 -16.26 19.09 -16.29
C GLY B 168 -17.07 19.73 -15.17
N LEU B 169 -17.47 18.93 -14.18
CA LEU B 169 -18.27 19.44 -13.07
C LEU B 169 -17.65 20.67 -12.40
N MSE B 170 -16.37 20.58 -12.03
CA MSE B 170 -15.72 21.70 -11.37
C MSE B 170 -15.24 22.80 -12.31
O MSE B 170 -14.82 23.86 -11.87
CB MSE B 170 -14.54 21.19 -10.53
CG MSE B 170 -14.98 20.27 -9.41
SE MSE B 170 -13.50 19.56 -8.40
CE MSE B 170 -12.92 21.19 -7.57
N ARG B 171 -15.32 22.53 -13.61
CA ARG B 171 -14.91 23.51 -14.62
C ARG B 171 -13.55 24.12 -14.29
N MSE B 172 -12.64 23.26 -13.83
CA MSE B 172 -11.28 23.66 -13.45
C MSE B 172 -10.27 23.32 -14.53
O MSE B 172 -10.33 22.26 -15.15
CB MSE B 172 -10.87 22.94 -12.16
CG MSE B 172 -11.68 23.33 -10.94
SE MSE B 172 -11.42 25.20 -10.51
CE MSE B 172 -12.78 26.01 -11.60
N ASP B 173 -9.34 24.23 -14.76
CA ASP B 173 -8.30 24.05 -15.76
C ASP B 173 -7.22 23.16 -15.13
N THR B 174 -6.56 23.72 -14.12
CA THR B 174 -5.50 23.00 -13.42
C THR B 174 -5.72 23.18 -11.92
N LEU B 175 -5.56 22.09 -11.17
CA LEU B 175 -5.72 22.14 -9.74
C LEU B 175 -4.38 22.46 -9.08
N THR B 176 -4.34 23.48 -8.25
CA THR B 176 -3.12 23.90 -7.56
C THR B 176 -3.46 24.30 -6.13
N PRO B 177 -3.01 23.51 -5.15
CA PRO B 177 -3.29 23.80 -3.74
C PRO B 177 -3.13 25.27 -3.38
N ASP B 178 -4.02 25.75 -2.51
CA ASP B 178 -3.99 27.14 -2.08
C ASP B 178 -4.53 27.30 -0.67
N ARG B 179 -4.18 28.40 -0.01
CA ARG B 179 -4.63 28.60 1.37
C ARG B 179 -6.11 28.89 1.54
N CYS B 180 -6.68 28.28 2.57
CA CYS B 180 -8.08 28.47 2.89
C CYS B 180 -8.28 28.14 4.36
N GLU B 181 -9.28 28.75 4.97
CA GLU B 181 -9.57 28.50 6.37
C GLU B 181 -11.00 27.96 6.45
N ILE B 182 -11.19 26.88 7.22
CA ILE B 182 -12.52 26.27 7.34
C ILE B 182 -12.95 26.07 8.78
N ARG B 183 -14.18 26.47 9.10
CA ARG B 183 -14.74 26.32 10.46
C ARG B 183 -16.04 25.51 10.51
N GLY B 184 -16.24 24.81 11.62
CA GLY B 184 -17.43 24.00 11.82
C GLY B 184 -17.75 23.94 13.31
N GLU B 185 -18.83 23.25 13.69
CA GLU B 185 -19.22 23.16 15.10
C GLU B 185 -18.06 22.92 16.05
N ASN B 186 -17.30 21.88 15.76
CA ASN B 186 -16.13 21.55 16.57
C ASN B 186 -15.08 21.18 15.55
N PHE B 187 -14.85 22.11 14.63
CA PHE B 187 -13.91 21.89 13.56
C PHE B 187 -13.26 23.20 13.14
N HIS B 188 -11.93 23.24 13.13
CA HIS B 188 -11.22 24.44 12.71
C HIS B 188 -9.87 24.06 12.10
N TRP B 189 -9.79 24.10 10.77
CA TRP B 189 -8.57 23.75 10.05
C TRP B 189 -8.14 24.88 9.15
N GLN B 190 -6.84 25.00 8.96
CA GLN B 190 -6.29 26.05 8.10
C GLN B 190 -5.02 25.54 7.41
N GLY B 191 -4.85 25.87 6.14
CA GLY B 191 -3.68 25.43 5.42
C GLY B 191 -3.87 25.43 3.92
N ASP B 192 -2.94 24.81 3.19
CA ASP B 192 -3.05 24.75 1.74
C ASP B 192 -3.96 23.59 1.37
N ALA B 193 -4.95 23.86 0.52
CA ALA B 193 -5.91 22.85 0.10
C ALA B 193 -5.99 22.75 -1.41
N LEU B 194 -6.38 21.58 -1.90
CA LEU B 194 -6.50 21.34 -3.35
C LEU B 194 -7.94 21.29 -3.80
N VAL B 195 -8.74 20.52 -3.08
CA VAL B 195 -10.15 20.36 -3.40
C VAL B 195 -10.97 20.17 -2.13
N ILE B 196 -12.11 20.86 -2.06
CA ILE B 196 -12.99 20.76 -0.90
C ILE B 196 -14.33 20.17 -1.30
N GLY B 197 -14.76 19.15 -0.56
CA GLY B 197 -16.03 18.52 -0.84
C GLY B 197 -16.93 18.66 0.37
N ILE B 198 -18.07 19.31 0.17
CA ILE B 198 -19.05 19.52 1.21
C ILE B 198 -20.34 18.90 0.69
N GLY B 199 -20.75 17.78 1.26
CA GLY B 199 -21.93 17.15 0.74
C GLY B 199 -23.05 16.74 1.67
N ASN B 200 -24.25 16.86 1.14
CA ASN B 200 -25.44 16.47 1.84
C ASN B 200 -25.59 15.06 1.28
N GLY B 201 -25.22 14.95 0.00
CA GLY B 201 -25.24 13.68 -0.72
C GLY B 201 -23.85 13.07 -0.60
N ARG B 202 -23.60 11.93 -1.25
CA ARG B 202 -22.30 11.31 -1.13
C ARG B 202 -21.36 11.36 -2.32
N GLN B 203 -21.91 11.45 -3.52
CA GLN B 203 -21.06 11.48 -4.69
C GLN B 203 -21.40 12.58 -5.68
N ALA B 204 -20.46 12.83 -6.59
CA ALA B 204 -20.65 13.83 -7.62
C ALA B 204 -19.76 13.40 -8.79
N GLY B 205 -19.79 14.17 -9.88
CA GLY B 205 -19.00 13.86 -11.04
C GLY B 205 -19.14 12.44 -11.59
N GLY B 206 -20.32 11.86 -11.45
CA GLY B 206 -20.54 10.52 -11.94
C GLY B 206 -19.73 9.47 -11.20
N GLY B 207 -20.21 9.06 -10.03
CA GLY B 207 -19.53 8.02 -9.30
C GLY B 207 -18.52 8.38 -8.22
N GLN B 208 -17.81 9.49 -8.40
CA GLN B 208 -16.79 9.89 -7.44
C GLN B 208 -17.36 10.09 -6.03
N GLN B 209 -16.99 9.19 -5.12
CA GLN B 209 -17.44 9.23 -3.74
C GLN B 209 -16.58 10.21 -2.92
N LEU B 210 -17.08 11.41 -2.70
CA LEU B 210 -16.33 12.41 -1.95
C LEU B 210 -16.65 12.35 -0.45
N CYS B 211 -17.91 12.15 -0.12
CA CYS B 211 -18.33 12.07 1.28
C CYS B 211 -19.11 10.78 1.48
N PRO B 212 -18.40 9.65 1.51
CA PRO B 212 -18.93 8.30 1.69
C PRO B 212 -19.90 8.08 2.85
N THR B 213 -19.64 8.69 3.99
CA THR B 213 -20.51 8.50 5.15
C THR B 213 -21.79 9.33 5.13
N ALA B 214 -21.85 10.37 4.33
CA ALA B 214 -23.01 11.27 4.26
C ALA B 214 -24.40 10.62 4.29
N LEU B 215 -25.30 11.24 5.05
CA LEU B 215 -26.68 10.79 5.18
C LEU B 215 -27.52 12.02 4.89
N ILE B 216 -28.66 11.87 4.20
CA ILE B 216 -29.47 13.03 3.87
C ILE B 216 -30.55 13.39 4.89
N ASN B 217 -30.50 12.78 6.07
CA ASN B 217 -31.49 13.07 7.10
C ASN B 217 -30.89 13.07 8.50
N ASP B 218 -29.67 13.60 8.62
CA ASP B 218 -28.97 13.66 9.91
C ASP B 218 -28.83 15.09 10.42
N GLY B 219 -29.20 16.06 9.60
CA GLY B 219 -29.10 17.44 10.01
C GLY B 219 -27.66 17.94 10.06
N LEU B 220 -26.79 17.25 9.33
CA LEU B 220 -25.36 17.60 9.29
C LEU B 220 -24.83 17.58 7.86
N LEU B 221 -23.71 18.26 7.64
CA LEU B 221 -23.08 18.26 6.34
C LEU B 221 -21.76 17.50 6.55
N GLN B 222 -21.24 16.94 5.47
CA GLN B 222 -19.99 16.20 5.56
C GLN B 222 -18.96 16.99 4.79
N LEU B 223 -17.74 17.01 5.32
CA LEU B 223 -16.66 17.73 4.67
C LEU B 223 -15.49 16.81 4.35
N ARG B 224 -14.90 16.99 3.18
CA ARG B 224 -13.74 16.22 2.78
C ARG B 224 -12.78 17.21 2.18
N ILE B 225 -11.59 17.29 2.75
CA ILE B 225 -10.59 18.20 2.25
C ILE B 225 -9.47 17.36 1.69
N PHE B 226 -9.09 17.64 0.45
CA PHE B 226 -8.00 16.91 -0.17
C PHE B 226 -6.83 17.89 -0.19
N THR B 227 -5.75 17.49 0.48
CA THR B 227 -4.54 18.30 0.51
C THR B 227 -3.50 17.60 -0.35
N GLY B 228 -2.40 18.26 -0.64
CA GLY B 228 -1.40 17.62 -1.47
C GLY B 228 -1.44 18.17 -2.88
N GLU B 229 -0.52 17.71 -3.71
CA GLU B 229 -0.43 18.20 -5.08
C GLU B 229 -1.29 17.49 -6.11
N GLU B 230 -1.68 16.26 -5.84
CA GLU B 230 -2.48 15.46 -6.78
C GLU B 230 -3.84 15.10 -6.21
N LEU B 231 -4.81 14.89 -7.10
CA LEU B 231 -6.14 14.51 -6.68
C LEU B 231 -6.52 13.09 -7.08
N LEU B 232 -6.14 12.72 -8.30
CA LEU B 232 -6.48 11.42 -8.87
C LEU B 232 -6.27 10.20 -7.97
N PRO B 233 -5.04 10.00 -7.49
CA PRO B 233 -4.77 8.85 -6.63
C PRO B 233 -5.68 8.70 -5.41
N ALA B 234 -5.89 9.79 -4.67
CA ALA B 234 -6.75 9.74 -3.50
C ALA B 234 -8.18 9.30 -3.88
N LEU B 235 -8.62 9.72 -5.07
CA LEU B 235 -9.96 9.36 -5.54
C LEU B 235 -10.14 7.88 -5.82
N PHE B 236 -9.03 7.17 -6.04
CA PHE B 236 -9.14 5.75 -6.29
C PHE B 236 -8.77 4.91 -5.08
N SER B 237 -8.82 5.53 -3.90
CA SER B 237 -8.50 4.83 -2.66
C SER B 237 -9.75 4.19 -2.08
N THR B 238 -9.56 3.13 -1.30
CA THR B 238 -10.66 2.42 -0.66
C THR B 238 -11.13 3.22 0.54
N LEU B 239 -12.17 2.73 1.21
CA LEU B 239 -12.72 3.42 2.37
C LEU B 239 -11.74 3.44 3.53
N THR B 240 -10.73 2.58 3.48
CA THR B 240 -9.73 2.53 4.54
C THR B 240 -8.52 3.37 4.17
N GLN B 241 -7.99 3.16 2.96
CA GLN B 241 -6.83 3.92 2.50
C GLN B 241 -7.14 5.40 2.67
N SER B 242 -8.43 5.74 2.64
CA SER B 242 -8.87 7.11 2.80
C SER B 242 -8.67 7.58 4.24
N ASP B 243 -9.14 6.79 5.20
CA ASP B 243 -9.00 7.13 6.62
C ASP B 243 -7.52 7.23 7.02
N ASP B 244 -6.66 6.56 6.27
CA ASP B 244 -5.25 6.57 6.60
C ASP B 244 -4.46 7.56 5.77
N ASN B 245 -5.08 8.10 4.72
CA ASN B 245 -4.40 9.07 3.87
C ASN B 245 -4.23 10.39 4.63
N PRO B 246 -2.98 10.76 4.92
CA PRO B 246 -2.72 12.00 5.63
C PRO B 246 -3.25 13.25 4.92
N ASN B 247 -3.35 13.16 3.60
CA ASN B 247 -3.82 14.27 2.78
C ASN B 247 -5.34 14.35 2.57
N ILE B 248 -6.08 13.53 3.30
CA ILE B 248 -7.54 13.54 3.22
C ILE B 248 -8.04 13.83 4.64
N ILE B 249 -8.80 14.91 4.79
CA ILE B 249 -9.32 15.29 6.10
C ILE B 249 -10.85 15.29 6.07
N ASP B 250 -11.44 14.59 7.03
CA ASP B 250 -12.89 14.50 7.12
C ASP B 250 -13.46 15.27 8.30
N GLY B 251 -14.65 15.81 8.12
CA GLY B 251 -15.32 16.55 9.17
C GLY B 251 -16.83 16.57 8.96
N ALA B 252 -17.57 16.69 10.06
CA ALA B 252 -19.02 16.75 10.00
C ALA B 252 -19.49 17.91 10.87
N SER B 253 -20.51 18.62 10.39
CA SER B 253 -21.04 19.77 11.09
C SER B 253 -22.35 20.22 10.46
N ALA B 254 -23.15 20.95 11.22
CA ALA B 254 -24.43 21.47 10.74
C ALA B 254 -24.16 22.69 9.84
N TRP B 255 -22.94 23.22 9.91
CA TRP B 255 -22.55 24.39 9.12
C TRP B 255 -21.04 24.41 8.89
N PHE B 256 -20.62 25.18 7.90
CA PHE B 256 -19.21 25.33 7.59
C PHE B 256 -18.93 26.71 7.05
N ASP B 257 -17.88 27.35 7.55
CA ASP B 257 -17.49 28.66 7.05
C ASP B 257 -16.20 28.46 6.30
N ILE B 258 -16.18 28.87 5.04
CA ILE B 258 -15.00 28.72 4.23
C ILE B 258 -14.48 30.09 3.87
N HIS B 259 -13.19 30.32 4.12
CA HIS B 259 -12.58 31.59 3.77
C HIS B 259 -11.36 31.31 2.92
N ALA B 260 -11.35 31.86 1.71
CA ALA B 260 -10.24 31.66 0.81
C ALA B 260 -9.65 32.98 0.35
N PRO B 261 -8.52 33.37 0.94
CA PRO B 261 -7.82 34.62 0.63
C PRO B 261 -7.78 34.90 -0.88
N HIS B 262 -7.62 33.83 -1.66
CA HIS B 262 -7.58 33.95 -3.11
C HIS B 262 -8.83 33.30 -3.67
N GLU B 263 -9.81 34.13 -3.99
CA GLU B 263 -11.10 33.71 -4.53
C GLU B 263 -11.15 32.24 -4.95
N ILE B 264 -11.97 31.45 -4.26
CA ILE B 264 -12.13 30.03 -4.57
C ILE B 264 -13.43 29.85 -5.36
N THR B 265 -13.44 28.89 -6.27
CA THR B 265 -14.62 28.64 -7.09
C THR B 265 -15.38 27.39 -6.65
N PHE B 266 -16.63 27.58 -6.24
CA PHE B 266 -17.46 26.47 -5.78
C PHE B 266 -18.44 25.98 -6.86
N ASN B 267 -18.96 24.77 -6.65
CA ASN B 267 -19.89 24.19 -7.60
C ASN B 267 -21.02 23.51 -6.84
N LEU B 268 -22.18 24.17 -6.82
CA LEU B 268 -23.34 23.62 -6.12
C LEU B 268 -24.25 22.89 -7.11
N ASP B 269 -24.05 21.58 -7.18
CA ASP B 269 -24.80 20.70 -8.07
C ASP B 269 -24.84 21.23 -9.50
N GLY B 270 -23.74 21.81 -9.95
CA GLY B 270 -23.70 22.32 -11.30
C GLY B 270 -23.50 23.81 -11.45
N GLU B 271 -24.33 24.60 -10.77
CA GLU B 271 -24.21 26.05 -10.86
C GLU B 271 -23.05 26.55 -10.02
N PRO B 272 -22.14 27.32 -10.63
CA PRO B 272 -20.98 27.87 -9.92
C PRO B 272 -21.32 29.09 -9.06
N LEU B 273 -20.48 29.34 -8.08
CA LEU B 273 -20.65 30.47 -7.16
C LEU B 273 -19.26 30.82 -6.65
N SER B 274 -18.69 31.89 -7.16
CA SER B 274 -17.35 32.31 -6.74
C SER B 274 -17.31 33.39 -5.68
N GLY B 275 -16.22 33.39 -4.92
CA GLY B 275 -16.03 34.36 -3.87
C GLY B 275 -14.94 33.89 -2.94
N GLN B 276 -14.67 34.68 -1.91
CA GLN B 276 -13.63 34.33 -0.96
C GLN B 276 -14.27 33.98 0.38
N GLU B 277 -15.59 34.08 0.46
CA GLU B 277 -16.33 33.78 1.68
C GLU B 277 -17.52 32.87 1.42
N PHE B 278 -17.64 31.80 2.19
CA PHE B 278 -18.75 30.89 2.02
C PHE B 278 -19.32 30.39 3.33
N HIS B 279 -20.61 30.62 3.53
CA HIS B 279 -21.26 30.12 4.72
C HIS B 279 -22.21 29.07 4.21
N ILE B 280 -22.11 27.86 4.76
CA ILE B 280 -22.96 26.77 4.34
C ILE B 280 -23.67 26.23 5.56
N GLU B 281 -24.99 26.09 5.47
CA GLU B 281 -25.73 25.59 6.61
C GLU B 281 -26.79 24.62 6.14
N VAL B 282 -27.00 23.58 6.94
CA VAL B 282 -28.00 22.59 6.59
C VAL B 282 -29.39 23.07 7.00
N LEU B 283 -30.40 22.68 6.22
CA LEU B 283 -31.78 23.03 6.54
C LEU B 283 -32.42 21.67 6.84
N PRO B 284 -32.28 21.20 8.08
CA PRO B 284 -32.83 19.92 8.55
C PRO B 284 -34.27 19.63 8.15
N GLY B 285 -34.47 18.51 7.46
CA GLY B 285 -35.79 18.10 7.00
C GLY B 285 -36.63 19.21 6.37
N ALA B 286 -36.00 20.01 5.52
CA ALA B 286 -36.69 21.09 4.86
C ALA B 286 -37.66 20.61 3.79
N LEU B 287 -37.48 19.36 3.34
CA LEU B 287 -38.40 18.82 2.34
C LEU B 287 -38.56 17.31 2.46
N ARG B 288 -39.64 16.80 1.90
CA ARG B 288 -39.93 15.38 1.91
C ARG B 288 -39.60 14.88 0.52
N CYS B 289 -39.07 13.68 0.46
CA CYS B 289 -38.68 13.09 -0.80
C CYS B 289 -39.05 11.63 -0.79
N ARG B 290 -39.73 11.18 -1.83
CA ARG B 290 -40.09 9.78 -1.90
C ARG B 290 -38.82 9.00 -2.20
N LEU B 291 -38.50 8.06 -1.33
CA LEU B 291 -37.31 7.24 -1.47
C LEU B 291 -37.62 5.77 -1.20
N PRO B 292 -36.78 4.86 -1.73
CA PRO B 292 -36.96 3.42 -1.55
C PRO B 292 -36.67 3.09 -0.08
N PRO B 293 -37.43 2.15 0.50
CA PRO B 293 -37.23 1.78 1.90
C PRO B 293 -35.77 1.55 2.33
N ASP B 294 -34.98 0.94 1.46
CA ASP B 294 -33.60 0.65 1.77
C ASP B 294 -32.62 1.66 1.16
N CYS B 295 -32.88 2.94 1.38
CA CYS B 295 -32.02 3.98 0.84
C CYS B 295 -30.72 4.08 1.64
N PRO B 296 -29.57 4.04 0.94
CA PRO B 296 -28.25 4.11 1.58
C PRO B 296 -28.02 5.45 2.28
N LEU B 297 -28.57 6.51 1.70
CA LEU B 297 -28.41 7.85 2.24
C LEU B 297 -29.23 8.11 3.50
N LEU B 298 -30.06 7.15 3.89
CA LEU B 298 -30.89 7.33 5.08
C LEU B 298 -30.35 6.71 6.35
N ARG B 299 -30.48 7.47 7.42
CA ARG B 299 -30.03 7.09 8.76
C ARG B 299 -30.80 5.88 9.26
N MSE C 1 -42.55 -12.16 -24.93
CA MSE C 1 -41.93 -10.87 -25.35
C MSE C 1 -41.53 -10.00 -24.15
O MSE C 1 -40.76 -9.05 -24.29
CB MSE C 1 -42.89 -10.12 -26.28
CG MSE C 1 -42.41 -8.74 -26.72
SE MSE C 1 -42.97 -7.33 -25.51
CE MSE C 1 -44.04 -6.27 -26.72
N ALA C 2 -42.05 -10.33 -22.97
CA ALA C 2 -41.67 -9.58 -21.77
C ALA C 2 -40.27 -10.05 -21.38
N ASN C 3 -39.92 -11.25 -21.82
CA ASN C 3 -38.62 -11.83 -21.56
C ASN C 3 -37.65 -11.40 -22.65
N PHE C 4 -38.10 -10.51 -23.52
CA PHE C 4 -37.28 -10.04 -24.64
C PHE C 4 -37.40 -8.54 -24.88
N PRO C 5 -36.91 -7.69 -23.95
CA PRO C 5 -37.02 -6.25 -24.19
C PRO C 5 -36.55 -5.92 -25.61
N ALA C 6 -37.06 -4.83 -26.16
CA ALA C 6 -36.67 -4.43 -27.52
C ALA C 6 -35.15 -4.35 -27.63
N SER C 7 -34.64 -4.24 -28.84
CA SER C 7 -33.21 -4.16 -29.03
C SER C 7 -32.79 -3.76 -30.44
N LEU C 8 -31.76 -2.91 -30.52
CA LEU C 8 -31.22 -2.45 -31.79
C LEU C 8 -29.95 -3.28 -31.97
N LEU C 9 -29.72 -3.78 -33.19
CA LEU C 9 -28.52 -4.58 -33.47
C LEU C 9 -27.59 -3.88 -34.45
N ILE C 10 -26.40 -3.54 -34.00
CA ILE C 10 -25.42 -2.90 -34.87
C ILE C 10 -24.56 -4.05 -35.40
N LEU C 11 -24.63 -4.25 -36.70
CA LEU C 11 -23.95 -5.34 -37.38
C LEU C 11 -22.86 -4.87 -38.34
N ASN C 12 -21.66 -5.44 -38.20
CA ASN C 12 -20.52 -5.10 -39.06
C ASN C 12 -20.84 -5.48 -40.50
N GLY C 13 -20.60 -4.55 -41.43
CA GLY C 13 -20.87 -4.81 -42.83
C GLY C 13 -20.38 -6.15 -43.32
N LYS C 14 -19.34 -6.64 -42.66
CA LYS C 14 -18.74 -7.92 -43.00
C LYS C 14 -19.69 -9.10 -42.75
N SER C 15 -20.82 -8.84 -42.11
CA SER C 15 -21.78 -9.90 -41.81
C SER C 15 -23.19 -9.52 -42.31
N ALA C 16 -23.26 -8.43 -43.05
CA ALA C 16 -24.53 -7.94 -43.58
C ALA C 16 -25.29 -8.99 -44.38
N ASP C 17 -24.57 -9.98 -44.91
CA ASP C 17 -25.22 -11.01 -45.72
C ASP C 17 -25.21 -12.39 -45.07
N ASN C 18 -25.06 -12.41 -43.74
CA ASN C 18 -25.04 -13.64 -42.96
C ASN C 18 -26.49 -14.18 -42.85
N GLN C 19 -26.83 -15.11 -43.74
CA GLN C 19 -28.19 -15.69 -43.76
C GLN C 19 -28.69 -16.34 -42.49
N PRO C 20 -27.89 -17.25 -41.90
CA PRO C 20 -28.31 -17.92 -40.67
C PRO C 20 -28.79 -16.94 -39.60
N LEU C 21 -28.14 -15.78 -39.54
CA LEU C 21 -28.50 -14.74 -38.58
C LEU C 21 -29.80 -14.08 -39.00
N ARG C 22 -29.95 -13.90 -40.31
CA ARG C 22 -31.15 -13.30 -40.84
C ARG C 22 -32.35 -14.17 -40.46
N GLU C 23 -32.17 -15.48 -40.57
CA GLU C 23 -33.23 -16.42 -40.24
C GLU C 23 -33.54 -16.36 -38.75
N ALA C 24 -32.50 -16.38 -37.93
CA ALA C 24 -32.67 -16.33 -36.47
C ALA C 24 -33.47 -15.10 -36.07
N ILE C 25 -33.15 -13.97 -36.69
CA ILE C 25 -33.82 -12.71 -36.40
C ILE C 25 -35.26 -12.77 -36.88
N THR C 26 -35.48 -13.33 -38.06
CA THR C 26 -36.84 -13.43 -38.60
C THR C 26 -37.73 -14.24 -37.65
N LEU C 27 -37.20 -15.35 -37.13
CA LEU C 27 -37.97 -16.16 -36.20
C LEU C 27 -38.40 -15.33 -34.98
N LEU C 28 -37.43 -14.69 -34.34
CA LEU C 28 -37.69 -13.87 -33.15
C LEU C 28 -38.68 -12.76 -33.41
N ARG C 29 -38.58 -12.15 -34.58
CA ARG C 29 -39.47 -11.06 -34.94
C ARG C 29 -40.90 -11.58 -35.09
N ASP C 30 -41.03 -12.89 -35.23
CA ASP C 30 -42.34 -13.53 -35.39
C ASP C 30 -43.14 -13.60 -34.07
N GLU C 31 -42.46 -13.69 -32.94
CA GLU C 31 -43.12 -13.76 -31.64
C GLU C 31 -43.46 -12.38 -31.07
N GLY C 32 -43.36 -11.35 -31.90
CA GLY C 32 -43.64 -10.01 -31.42
C GLY C 32 -42.40 -9.36 -30.82
N ILE C 33 -41.25 -9.99 -31.03
CA ILE C 33 -39.99 -9.47 -30.52
C ILE C 33 -39.43 -8.38 -31.44
N GLN C 34 -39.15 -7.23 -30.85
CA GLN C 34 -38.63 -6.09 -31.60
C GLN C 34 -37.10 -6.10 -31.69
N ILE C 35 -36.60 -6.30 -32.90
CA ILE C 35 -35.17 -6.32 -33.11
C ILE C 35 -34.83 -5.46 -34.31
N HIS C 36 -34.32 -4.26 -34.06
CA HIS C 36 -33.93 -3.35 -35.13
C HIS C 36 -32.56 -3.80 -35.61
N VAL C 37 -32.27 -3.58 -36.89
CA VAL C 37 -30.98 -3.98 -37.44
C VAL C 37 -30.40 -2.86 -38.26
N ARG C 38 -29.13 -2.58 -37.99
CA ARG C 38 -28.37 -1.54 -38.69
C ARG C 38 -27.03 -2.15 -39.02
N VAL C 39 -26.42 -1.72 -40.10
CA VAL C 39 -25.14 -2.27 -40.49
C VAL C 39 -24.16 -1.14 -40.72
N THR C 40 -22.98 -1.29 -40.13
CA THR C 40 -21.90 -0.29 -40.24
C THR C 40 -21.06 -0.57 -41.45
N TRP C 41 -20.47 0.49 -42.00
CA TRP C 41 -19.64 0.36 -43.16
C TRP C 41 -18.24 0.84 -42.84
N GLU C 42 -18.14 1.76 -41.88
CA GLU C 42 -16.87 2.34 -41.47
C GLU C 42 -16.89 2.83 -40.02
N LYS C 43 -15.75 3.30 -39.54
CA LYS C 43 -15.67 3.82 -38.18
C LYS C 43 -16.49 5.10 -38.08
N GLY C 44 -17.30 5.20 -37.04
CA GLY C 44 -18.14 6.37 -36.85
C GLY C 44 -19.62 6.02 -36.98
N ASP C 45 -19.93 4.98 -37.74
CA ASP C 45 -21.32 4.56 -37.93
C ASP C 45 -21.93 4.06 -36.64
N ALA C 46 -21.21 3.19 -35.94
CA ALA C 46 -21.68 2.63 -34.69
C ALA C 46 -22.27 3.70 -33.80
N GLN C 47 -21.55 4.80 -33.66
CA GLN C 47 -21.99 5.91 -32.82
C GLN C 47 -23.36 6.39 -33.30
N ARG C 48 -23.48 6.58 -34.60
CA ARG C 48 -24.73 7.06 -35.17
C ARG C 48 -25.92 6.18 -34.80
N TYR C 49 -25.76 4.87 -34.90
CA TYR C 49 -26.85 3.95 -34.59
C TYR C 49 -27.08 3.74 -33.11
N VAL C 50 -26.09 4.04 -32.28
CA VAL C 50 -26.32 3.89 -30.85
C VAL C 50 -27.22 5.08 -30.47
N ASP C 51 -27.01 6.21 -31.14
CA ASP C 51 -27.82 7.38 -30.87
C ASP C 51 -29.27 7.13 -31.31
N GLU C 52 -29.45 6.53 -32.47
CA GLU C 52 -30.80 6.23 -32.91
C GLU C 52 -31.36 5.23 -31.89
N ALA C 53 -30.52 4.29 -31.48
CA ALA C 53 -30.92 3.29 -30.50
C ALA C 53 -31.52 3.95 -29.26
N ARG C 54 -30.85 5.00 -28.76
CA ARG C 54 -31.35 5.70 -27.58
C ARG C 54 -32.71 6.30 -27.92
N ARG C 55 -32.79 7.02 -29.02
CA ARG C 55 -34.04 7.64 -29.42
C ARG C 55 -35.17 6.61 -29.50
N LEU C 56 -34.86 5.42 -30.01
CA LEU C 56 -35.86 4.38 -30.13
C LEU C 56 -36.20 3.81 -28.76
N GLY C 57 -35.42 4.16 -27.76
CA GLY C 57 -35.68 3.67 -26.42
C GLY C 57 -35.52 2.18 -26.19
N VAL C 58 -34.68 1.52 -26.99
CA VAL C 58 -34.44 0.10 -26.82
C VAL C 58 -33.67 -0.14 -25.52
N GLU C 59 -33.78 -1.37 -25.00
CA GLU C 59 -33.10 -1.71 -23.76
C GLU C 59 -31.76 -2.38 -24.03
N THR C 60 -31.50 -2.76 -25.27
CA THR C 60 -30.25 -3.43 -25.61
C THR C 60 -29.70 -3.07 -26.97
N VAL C 61 -28.41 -2.76 -27.00
CA VAL C 61 -27.72 -2.48 -28.25
C VAL C 61 -26.72 -3.63 -28.38
N ILE C 62 -26.99 -4.52 -29.33
CA ILE C 62 -26.14 -5.69 -29.55
C ILE C 62 -25.06 -5.40 -30.57
N ALA C 63 -23.80 -5.66 -30.21
CA ALA C 63 -22.71 -5.43 -31.14
C ALA C 63 -22.47 -6.73 -31.89
N GLY C 64 -22.69 -6.71 -33.20
CA GLY C 64 -22.50 -7.90 -34.00
C GLY C 64 -21.25 -7.77 -34.84
N GLY C 65 -20.18 -8.43 -34.38
CA GLY C 65 -18.91 -8.36 -35.08
C GLY C 65 -17.74 -8.63 -34.15
N GLY C 66 -16.56 -8.14 -34.53
CA GLY C 66 -15.37 -8.36 -33.73
C GLY C 66 -15.15 -7.40 -32.58
N ASP C 67 -13.97 -7.51 -31.97
CA ASP C 67 -13.61 -6.66 -30.85
C ASP C 67 -13.64 -5.18 -31.23
N GLY C 68 -13.36 -4.88 -32.50
CA GLY C 68 -13.39 -3.50 -32.94
C GLY C 68 -14.79 -2.93 -32.86
N THR C 69 -15.78 -3.74 -33.24
CA THR C 69 -17.18 -3.34 -33.23
C THR C 69 -17.71 -3.26 -31.80
N ILE C 70 -17.28 -4.19 -30.95
CA ILE C 70 -17.71 -4.16 -29.57
C ILE C 70 -17.18 -2.87 -28.94
N ASN C 71 -15.93 -2.56 -29.25
CA ASN C 71 -15.31 -1.37 -28.71
C ASN C 71 -16.00 -0.09 -29.16
N GLU C 72 -16.34 -0.01 -30.44
CA GLU C 72 -16.99 1.19 -30.96
C GLU C 72 -18.38 1.37 -30.34
N VAL C 73 -19.12 0.28 -30.19
CA VAL C 73 -20.44 0.37 -29.60
C VAL C 73 -20.30 0.75 -28.12
N SER C 74 -19.52 -0.03 -27.38
CA SER C 74 -19.31 0.24 -25.95
C SER C 74 -18.89 1.69 -25.74
N THR C 75 -17.93 2.15 -26.52
CA THR C 75 -17.47 3.52 -26.40
C THR C 75 -18.67 4.48 -26.49
N ALA C 76 -19.49 4.31 -27.54
CA ALA C 76 -20.66 5.16 -27.74
C ALA C 76 -21.70 4.98 -26.63
N LEU C 77 -21.69 3.82 -26.00
CA LEU C 77 -22.62 3.52 -24.93
C LEU C 77 -22.28 4.22 -23.61
N ILE C 78 -21.01 4.58 -23.40
CA ILE C 78 -20.65 5.24 -22.16
C ILE C 78 -20.69 6.75 -22.32
N GLN C 79 -20.87 7.21 -23.55
CA GLN C 79 -20.95 8.65 -23.80
C GLN C 79 -21.99 9.26 -22.85
N ILE C 80 -21.57 10.31 -22.14
CA ILE C 80 -22.45 10.98 -21.19
C ILE C 80 -23.63 11.59 -21.94
N ARG C 81 -24.83 11.12 -21.62
CA ARG C 81 -26.05 11.59 -22.26
C ARG C 81 -27.18 11.81 -21.25
N ASP C 82 -28.40 11.99 -21.75
CA ASP C 82 -29.56 12.17 -20.90
C ASP C 82 -30.31 10.84 -20.92
N GLY C 83 -30.73 10.38 -19.76
CA GLY C 83 -31.44 9.11 -19.74
C GLY C 83 -30.52 7.93 -19.50
N VAL C 84 -31.12 6.77 -19.24
CA VAL C 84 -30.40 5.56 -18.98
C VAL C 84 -29.94 4.90 -20.27
N ALA C 85 -28.63 4.71 -20.39
CA ALA C 85 -28.07 4.09 -21.58
C ALA C 85 -28.54 2.66 -21.68
N PRO C 86 -28.69 2.16 -22.92
CA PRO C 86 -29.13 0.79 -23.12
C PRO C 86 -27.98 -0.11 -22.66
N ALA C 87 -28.28 -1.38 -22.37
CA ALA C 87 -27.25 -2.33 -21.95
C ALA C 87 -26.55 -2.82 -23.21
N LEU C 88 -25.35 -3.37 -23.06
CA LEU C 88 -24.60 -3.89 -24.20
C LEU C 88 -24.82 -5.39 -24.34
N GLY C 89 -25.03 -5.83 -25.57
CA GLY C 89 -25.23 -7.23 -25.87
C GLY C 89 -24.15 -7.67 -26.84
N LEU C 90 -23.71 -8.91 -26.73
CA LEU C 90 -22.64 -9.42 -27.59
C LEU C 90 -23.02 -10.55 -28.54
N LEU C 91 -22.69 -10.36 -29.81
CA LEU C 91 -22.94 -11.34 -30.85
C LEU C 91 -21.67 -11.47 -31.69
N PRO C 92 -20.77 -12.41 -31.31
CA PRO C 92 -19.48 -12.67 -31.98
C PRO C 92 -19.58 -13.09 -33.45
N LEU C 93 -19.11 -12.22 -34.34
CA LEU C 93 -19.16 -12.51 -35.77
C LEU C 93 -17.90 -12.17 -36.52
N GLY C 94 -17.05 -11.34 -35.91
CA GLY C 94 -15.81 -10.97 -36.56
C GLY C 94 -14.82 -12.11 -36.54
N THR C 95 -13.62 -11.87 -37.08
CA THR C 95 -12.59 -12.90 -37.09
C THR C 95 -11.99 -12.84 -35.69
N ALA C 96 -11.81 -11.61 -35.19
CA ALA C 96 -11.26 -11.37 -33.87
C ALA C 96 -12.38 -11.41 -32.83
N ASN C 97 -12.39 -12.44 -31.98
CA ASN C 97 -13.42 -12.56 -30.96
C ASN C 97 -12.88 -12.80 -29.56
N ASP C 98 -11.73 -12.20 -29.26
CA ASP C 98 -11.10 -12.36 -27.95
C ASP C 98 -12.01 -12.05 -26.77
N PHE C 99 -12.53 -10.83 -26.72
CA PHE C 99 -13.40 -10.46 -25.61
C PHE C 99 -14.57 -11.42 -25.48
N ALA C 100 -15.33 -11.55 -26.55
CA ALA C 100 -16.51 -12.42 -26.53
C ALA C 100 -16.12 -13.81 -26.04
N THR C 101 -15.02 -14.34 -26.56
CA THR C 101 -14.58 -15.65 -26.16
C THR C 101 -14.21 -15.69 -24.69
N SER C 102 -13.33 -14.79 -24.27
CA SER C 102 -12.91 -14.73 -22.87
C SER C 102 -14.10 -14.62 -21.92
N ALA C 103 -15.16 -13.94 -22.37
CA ALA C 103 -16.35 -13.76 -21.55
C ALA C 103 -17.26 -14.98 -21.54
N GLY C 104 -16.96 -15.95 -22.40
CA GLY C 104 -17.76 -17.17 -22.46
C GLY C 104 -19.11 -17.05 -23.14
N ILE C 105 -19.22 -16.22 -24.17
CA ILE C 105 -20.49 -16.09 -24.86
C ILE C 105 -20.63 -17.20 -25.89
N PRO C 106 -21.78 -17.90 -25.88
CA PRO C 106 -22.15 -19.01 -26.76
C PRO C 106 -21.64 -18.91 -28.20
N GLU C 107 -21.22 -20.06 -28.75
CA GLU C 107 -20.74 -20.10 -30.13
C GLU C 107 -21.97 -20.06 -31.02
N ALA C 108 -22.94 -20.91 -30.69
CA ALA C 108 -24.18 -21.01 -31.44
C ALA C 108 -24.80 -19.63 -31.60
N LEU C 109 -24.89 -19.18 -32.84
CA LEU C 109 -25.45 -17.87 -33.16
C LEU C 109 -26.79 -17.64 -32.46
N ASP C 110 -27.72 -18.56 -32.68
CA ASP C 110 -29.05 -18.46 -32.07
C ASP C 110 -29.00 -18.41 -30.54
N LYS C 111 -28.05 -19.13 -29.96
CA LYS C 111 -27.94 -19.16 -28.51
C LYS C 111 -27.29 -17.90 -27.95
N ALA C 112 -26.53 -17.18 -28.78
CA ALA C 112 -25.88 -15.95 -28.34
C ALA C 112 -26.90 -14.82 -28.42
N LEU C 113 -27.79 -14.90 -29.39
CA LEU C 113 -28.82 -13.88 -29.55
C LEU C 113 -29.73 -13.88 -28.34
N LYS C 114 -30.07 -15.06 -27.84
CA LYS C 114 -30.94 -15.16 -26.68
C LYS C 114 -30.29 -14.45 -25.49
N LEU C 115 -29.02 -14.76 -25.24
CA LEU C 115 -28.31 -14.14 -24.13
C LEU C 115 -28.29 -12.63 -24.26
N ALA C 116 -27.95 -12.16 -25.47
CA ALA C 116 -27.87 -10.72 -25.75
C ALA C 116 -29.20 -9.97 -25.63
N ILE C 117 -30.31 -10.69 -25.78
CA ILE C 117 -31.62 -10.04 -25.71
C ILE C 117 -32.30 -10.30 -24.38
N ALA C 118 -32.19 -11.53 -23.89
CA ALA C 118 -32.85 -11.91 -22.65
C ALA C 118 -31.97 -11.90 -21.41
N GLY C 119 -30.69 -12.19 -21.58
CA GLY C 119 -29.79 -12.25 -20.43
C GLY C 119 -29.87 -11.07 -19.48
N ASN C 120 -29.36 -11.26 -18.28
CA ASN C 120 -29.32 -10.20 -17.28
C ASN C 120 -28.05 -9.39 -17.58
N ALA C 121 -28.08 -8.10 -17.24
CA ALA C 121 -26.92 -7.25 -17.49
C ALA C 121 -26.12 -6.97 -16.23
N MSE C 122 -24.82 -7.23 -16.28
CA MSE C 122 -23.95 -6.95 -15.14
C MSE C 122 -23.15 -5.70 -15.48
O MSE C 122 -22.75 -5.51 -16.63
CB MSE C 122 -22.99 -8.11 -14.86
CG MSE C 122 -23.62 -9.30 -14.17
SE MSE C 122 -24.61 -10.39 -15.42
CE MSE C 122 -23.51 -11.97 -15.40
N GLU C 123 -22.95 -4.85 -14.50
CA GLU C 123 -22.16 -3.66 -14.73
C GLU C 123 -20.69 -4.06 -14.78
N ILE C 124 -19.97 -3.55 -15.78
CA ILE C 124 -18.55 -3.85 -15.94
C ILE C 124 -17.76 -2.60 -16.23
N ASP C 125 -16.45 -2.73 -16.08
CA ASP C 125 -15.49 -1.64 -16.27
C ASP C 125 -15.13 -1.33 -17.70
N MSE C 126 -14.34 -0.29 -17.85
CA MSE C 126 -13.89 0.15 -19.15
C MSE C 126 -12.63 0.99 -18.94
O MSE C 126 -12.49 1.69 -17.94
CB MSE C 126 -14.97 0.99 -19.81
CG MSE C 126 -14.74 1.15 -21.28
SE MSE C 126 -16.07 0.20 -22.26
CE MSE C 126 -16.80 1.75 -23.15
N ALA C 127 -11.70 0.92 -19.89
CA ALA C 127 -10.48 1.70 -19.77
C ALA C 127 -10.53 2.92 -20.68
N MSE C 128 -9.99 4.02 -20.19
CA MSE C 128 -9.96 5.24 -20.95
C MSE C 128 -8.50 5.62 -21.12
O MSE C 128 -7.69 5.45 -20.21
CB MSE C 128 -10.71 6.32 -20.18
CG MSE C 128 -10.71 7.72 -20.79
SE MSE C 128 -11.84 8.91 -19.72
CE MSE C 128 -12.89 9.67 -21.16
N VAL C 129 -8.15 6.12 -22.30
CA VAL C 129 -6.78 6.49 -22.59
C VAL C 129 -6.70 7.95 -23.03
N ASN C 130 -5.89 8.72 -22.31
CA ASN C 130 -5.74 10.15 -22.61
C ASN C 130 -7.06 10.90 -22.69
N ASP C 131 -8.06 10.43 -21.93
CA ASP C 131 -9.36 11.08 -21.85
C ASP C 131 -10.14 11.16 -23.16
N LYS C 132 -9.57 10.67 -24.26
CA LYS C 132 -10.25 10.73 -25.54
C LYS C 132 -10.78 9.39 -26.04
N THR C 133 -9.92 8.37 -26.05
CA THR C 133 -10.32 7.06 -26.54
C THR C 133 -10.59 6.03 -25.45
N CYS C 134 -11.15 4.89 -25.84
CA CYS C 134 -11.47 3.83 -24.88
C CYS C 134 -11.19 2.44 -25.41
N PHE C 135 -11.37 1.47 -24.52
CA PHE C 135 -11.20 0.09 -24.87
C PHE C 135 -11.77 -0.77 -23.75
N ILE C 136 -12.42 -1.86 -24.13
CA ILE C 136 -13.07 -2.78 -23.18
C ILE C 136 -12.22 -4.00 -22.95
N ASN C 137 -11.41 -4.36 -23.92
CA ASN C 137 -10.63 -5.56 -23.78
C ASN C 137 -9.16 -5.45 -23.45
N MSE C 138 -8.38 -4.95 -24.40
CA MSE C 138 -6.94 -4.89 -24.19
C MSE C 138 -6.20 -3.77 -24.92
O MSE C 138 -6.59 -3.37 -26.02
CB MSE C 138 -6.34 -6.23 -24.63
CG MSE C 138 -4.83 -6.37 -24.54
SE MSE C 138 -4.29 -6.98 -22.82
CE MSE C 138 -5.03 -8.77 -22.88
N ALA C 139 -5.14 -3.30 -24.31
CA ALA C 139 -4.27 -2.28 -24.89
C ALA C 139 -2.86 -2.86 -24.87
N THR C 140 -2.16 -2.79 -25.99
CA THR C 140 -0.80 -3.30 -26.07
C THR C 140 0.09 -2.26 -26.72
N GLY C 141 1.26 -2.04 -26.15
CA GLY C 141 2.16 -1.06 -26.70
C GLY C 141 3.58 -1.56 -26.89
N GLY C 142 4.26 -0.98 -27.88
CA GLY C 142 5.64 -1.33 -28.17
C GLY C 142 6.30 -0.17 -28.89
N PHE C 143 7.57 -0.33 -29.25
CA PHE C 143 8.28 0.73 -29.95
C PHE C 143 8.63 0.38 -31.39
N GLY C 144 8.20 1.22 -32.33
CA GLY C 144 8.47 0.98 -33.74
C GLY C 144 7.33 0.31 -34.48
N GLY C 161 6.08 -16.92 -41.76
CA GLY C 161 6.85 -16.66 -40.56
C GLY C 161 5.97 -16.46 -39.34
N VAL C 162 6.60 -16.36 -38.16
CA VAL C 162 5.86 -16.18 -36.92
C VAL C 162 5.51 -14.71 -36.73
N SER C 163 5.82 -13.91 -37.74
CA SER C 163 5.55 -12.48 -37.74
C SER C 163 4.06 -12.21 -37.58
N TYR C 164 3.24 -13.08 -38.16
CA TYR C 164 1.79 -12.93 -38.08
C TYR C 164 1.27 -12.81 -36.64
N LEU C 165 1.97 -13.43 -35.70
CA LEU C 165 1.57 -13.40 -34.29
C LEU C 165 1.90 -12.03 -33.70
N ILE C 166 3.02 -11.46 -34.14
CA ILE C 166 3.47 -10.14 -33.67
C ILE C 166 2.56 -9.06 -34.26
N HIS C 167 2.24 -9.17 -35.54
CA HIS C 167 1.37 -8.20 -36.21
C HIS C 167 -0.10 -8.47 -35.93
N GLY C 168 -0.40 -9.68 -35.48
CA GLY C 168 -1.78 -10.04 -35.19
C GLY C 168 -2.24 -9.52 -33.84
N LEU C 169 -1.29 -9.38 -32.92
CA LEU C 169 -1.58 -8.89 -31.59
C LEU C 169 -1.39 -7.38 -31.53
N MSE C 170 -0.67 -6.84 -32.52
CA MSE C 170 -0.37 -5.40 -32.59
C MSE C 170 -0.07 -4.94 -34.02
O MSE C 170 0.09 -5.76 -34.92
CB MSE C 170 0.83 -5.08 -31.72
CG MSE C 170 0.71 -5.55 -30.30
SE MSE C 170 2.43 -5.60 -29.47
CE MSE C 170 2.69 -3.70 -29.25
N ARG C 171 0.02 -3.63 -34.20
CA ARG C 171 0.33 -3.05 -35.51
C ARG C 171 1.84 -2.96 -35.64
N MSE C 172 2.55 -3.77 -34.85
CA MSE C 172 4.00 -3.81 -34.84
C MSE C 172 4.56 -4.87 -35.77
O MSE C 172 3.85 -5.82 -36.14
CB MSE C 172 4.50 -4.06 -33.42
CG MSE C 172 4.02 -3.04 -32.38
SE MSE C 172 4.86 -1.31 -32.53
CE MSE C 172 3.72 -0.55 -33.90
N ASP C 173 5.83 -4.72 -36.13
CA ASP C 173 6.50 -5.66 -37.02
C ASP C 173 7.66 -6.33 -36.27
N THR C 174 8.74 -5.59 -36.07
CA THR C 174 9.91 -6.07 -35.35
C THR C 174 10.14 -5.15 -34.15
N LEU C 175 9.67 -5.62 -32.99
CA LEU C 175 9.78 -4.86 -31.75
C LEU C 175 11.21 -4.64 -31.27
N THR C 176 11.38 -3.57 -30.51
CA THR C 176 12.67 -3.22 -29.94
C THR C 176 12.43 -2.53 -28.60
N PRO C 177 13.14 -2.98 -27.56
CA PRO C 177 12.98 -2.38 -26.24
C PRO C 177 13.49 -0.95 -26.19
N ASP C 178 12.67 -0.04 -25.67
CA ASP C 178 13.06 1.35 -25.55
C ASP C 178 12.68 1.79 -24.15
N ARG C 179 13.23 2.91 -23.69
CA ARG C 179 12.96 3.37 -22.35
C ARG C 179 11.59 4.01 -22.15
N CYS C 180 11.00 3.76 -20.98
CA CYS C 180 9.70 4.34 -20.65
C CYS C 180 9.50 4.25 -19.14
N GLU C 181 8.74 5.20 -18.59
CA GLU C 181 8.46 5.23 -17.16
C GLU C 181 7.00 4.89 -16.92
N ILE C 182 6.71 4.13 -15.85
CA ILE C 182 5.35 3.73 -15.57
C ILE C 182 4.95 3.92 -14.12
N ARG C 183 3.85 4.66 -13.90
CA ARG C 183 3.34 4.89 -12.54
C ARG C 183 1.88 4.47 -12.32
N GLY C 184 1.60 3.99 -11.11
CA GLY C 184 0.27 3.56 -10.75
C GLY C 184 0.16 3.50 -9.24
N GLU C 185 -0.96 3.02 -8.71
CA GLU C 185 -1.11 2.93 -7.26
C GLU C 185 -0.11 1.94 -6.73
N ASN C 186 0.78 2.39 -5.86
CA ASN C 186 1.80 1.50 -5.29
C ASN C 186 2.58 0.86 -6.43
N PHE C 187 2.94 1.65 -7.42
CA PHE C 187 3.67 1.13 -8.56
C PHE C 187 4.49 2.22 -9.24
N HIS C 188 5.79 1.97 -9.36
CA HIS C 188 6.69 2.90 -10.02
C HIS C 188 7.83 2.09 -10.63
N TRP C 189 7.87 2.03 -11.95
CA TRP C 189 8.93 1.28 -12.62
C TRP C 189 9.48 2.08 -13.78
N GLN C 190 10.73 1.80 -14.12
CA GLN C 190 11.42 2.51 -15.18
C GLN C 190 12.47 1.61 -15.82
N GLY C 191 12.65 1.74 -17.13
CA GLY C 191 13.62 0.92 -17.83
C GLY C 191 13.24 0.68 -19.29
N ASP C 192 13.95 -0.24 -19.94
CA ASP C 192 13.66 -0.54 -21.33
C ASP C 192 12.60 -1.63 -21.40
N ALA C 193 11.54 -1.35 -22.15
CA ALA C 193 10.44 -2.30 -22.27
C ALA C 193 10.24 -2.67 -23.73
N LEU C 194 9.85 -3.91 -23.95
CA LEU C 194 9.62 -4.40 -25.31
C LEU C 194 8.13 -4.23 -25.63
N VAL C 195 7.31 -4.78 -24.75
CA VAL C 195 5.88 -4.75 -24.88
C VAL C 195 5.18 -4.39 -23.56
N ILE C 196 4.25 -3.45 -23.65
CA ILE C 196 3.49 -3.04 -22.48
C ILE C 196 2.06 -3.49 -22.68
N GLY C 197 1.59 -4.36 -21.79
CA GLY C 197 0.24 -4.86 -21.89
C GLY C 197 -0.66 -4.40 -20.76
N ILE C 198 -1.74 -3.70 -21.11
CA ILE C 198 -2.69 -3.21 -20.12
C ILE C 198 -4.05 -3.77 -20.48
N GLY C 199 -4.55 -4.68 -19.66
CA GLY C 199 -5.83 -5.28 -19.97
C GLY C 199 -6.97 -5.09 -18.99
N ASN C 200 -8.16 -4.98 -19.55
CA ASN C 200 -9.37 -4.88 -18.77
C ASN C 200 -9.84 -6.31 -18.88
N GLY C 201 -9.65 -6.87 -20.07
CA GLY C 201 -9.99 -8.25 -20.37
C GLY C 201 -8.72 -9.07 -20.20
N ARG C 202 -8.73 -10.31 -20.67
CA ARG C 202 -7.55 -11.16 -20.49
C ARG C 202 -6.74 -11.54 -21.73
N GLN C 203 -7.37 -11.63 -22.89
CA GLN C 203 -6.63 -12.02 -24.09
C GLN C 203 -6.80 -11.07 -25.26
N ALA C 204 -5.86 -11.14 -26.20
CA ALA C 204 -5.89 -10.30 -27.38
C ALA C 204 -5.17 -10.99 -28.55
N GLY C 205 -5.24 -10.38 -29.74
CA GLY C 205 -4.59 -10.94 -30.89
C GLY C 205 -4.91 -12.41 -31.14
N GLY C 206 -6.15 -12.80 -30.87
CA GLY C 206 -6.55 -14.17 -31.10
C GLY C 206 -6.06 -15.22 -30.11
N GLY C 207 -6.66 -15.26 -28.92
CA GLY C 207 -6.30 -16.25 -27.92
C GLY C 207 -5.05 -16.10 -27.08
N GLN C 208 -4.21 -15.10 -27.35
CA GLN C 208 -3.00 -14.92 -26.57
C GLN C 208 -3.29 -14.33 -25.20
N GLN C 209 -3.15 -15.14 -24.15
CA GLN C 209 -3.37 -14.69 -22.77
C GLN C 209 -2.27 -13.73 -22.34
N LEU C 210 -2.65 -12.52 -21.90
CA LEU C 210 -1.68 -11.51 -21.48
C LEU C 210 -1.88 -11.03 -20.06
N CYS C 211 -3.12 -11.00 -19.61
CA CYS C 211 -3.45 -10.56 -18.25
C CYS C 211 -4.47 -11.58 -17.75
N PRO C 212 -4.02 -12.82 -17.54
CA PRO C 212 -4.80 -13.96 -17.07
C PRO C 212 -5.58 -13.80 -15.77
N THR C 213 -5.30 -12.75 -15.02
CA THR C 213 -5.99 -12.53 -13.76
C THR C 213 -7.10 -11.50 -13.85
N ALA C 214 -7.06 -10.67 -14.89
CA ALA C 214 -8.04 -9.61 -15.12
C ALA C 214 -9.50 -9.97 -14.88
N LEU C 215 -10.23 -9.01 -14.30
CA LEU C 215 -11.66 -9.15 -14.03
C LEU C 215 -12.28 -7.88 -14.57
N ILE C 216 -13.39 -7.97 -15.29
CA ILE C 216 -14.01 -6.78 -15.87
C ILE C 216 -14.95 -5.98 -14.96
N ASN C 217 -14.92 -6.25 -13.65
CA ASN C 217 -15.76 -5.52 -12.71
C ASN C 217 -15.09 -5.36 -11.34
N ASP C 218 -13.76 -5.22 -11.34
CA ASP C 218 -13.00 -5.05 -10.11
C ASP C 218 -12.51 -3.61 -9.91
N GLY C 219 -12.67 -2.78 -10.93
CA GLY C 219 -12.22 -1.41 -10.84
C GLY C 219 -10.71 -1.29 -10.98
N LEU C 220 -10.08 -2.33 -11.51
CA LEU C 220 -8.64 -2.34 -11.69
C LEU C 220 -8.23 -2.57 -13.13
N LEU C 221 -6.96 -2.38 -13.42
CA LEU C 221 -6.42 -2.60 -14.76
C LEU C 221 -5.14 -3.40 -14.60
N GLN C 222 -5.09 -4.58 -15.23
CA GLN C 222 -3.91 -5.42 -15.15
C GLN C 222 -2.82 -4.92 -16.07
N LEU C 223 -1.60 -4.82 -15.54
CA LEU C 223 -0.45 -4.39 -16.32
C LEU C 223 0.55 -5.53 -16.44
N ARG C 224 1.20 -5.63 -17.61
CA ARG C 224 2.15 -6.70 -17.86
C ARG C 224 3.26 -6.12 -18.71
N ILE C 225 4.46 -6.01 -18.15
CA ILE C 225 5.59 -5.47 -18.89
C ILE C 225 6.51 -6.59 -19.32
N PHE C 226 6.85 -6.61 -20.61
CA PHE C 226 7.76 -7.61 -21.14
C PHE C 226 9.08 -6.90 -21.44
N THR C 227 10.13 -7.30 -20.74
CA THR C 227 11.44 -6.70 -20.94
C THR C 227 12.28 -7.69 -21.73
N GLY C 228 13.47 -7.27 -22.12
CA GLY C 228 14.33 -8.16 -22.88
C GLY C 228 14.13 -7.99 -24.36
N GLU C 229 14.86 -8.79 -25.14
CA GLU C 229 14.82 -8.74 -26.59
C GLU C 229 13.80 -9.70 -27.19
N GLU C 230 13.55 -10.79 -26.48
CA GLU C 230 12.61 -11.82 -26.94
C GLU C 230 11.23 -11.66 -26.34
N LEU C 231 10.24 -12.24 -27.01
CA LEU C 231 8.86 -12.17 -26.56
C LEU C 231 8.04 -13.43 -26.84
N LEU C 232 8.08 -13.89 -28.07
CA LEU C 232 7.29 -15.04 -28.46
C LEU C 232 7.38 -16.24 -27.50
N PRO C 233 8.60 -16.70 -27.19
CA PRO C 233 8.63 -17.84 -26.27
C PRO C 233 7.93 -17.55 -24.93
N ALA C 234 8.08 -16.33 -24.41
CA ALA C 234 7.39 -15.95 -23.16
C ALA C 234 5.91 -16.22 -23.32
N LEU C 235 5.39 -15.86 -24.49
CA LEU C 235 3.98 -16.04 -24.82
C LEU C 235 3.55 -17.50 -24.78
N PHE C 236 4.41 -18.39 -25.28
CA PHE C 236 4.08 -19.84 -25.30
C PHE C 236 4.35 -20.48 -23.94
N SER C 237 4.83 -19.68 -22.98
CA SER C 237 5.16 -20.17 -21.64
C SER C 237 3.97 -20.43 -20.73
N THR C 238 4.18 -21.29 -19.73
CA THR C 238 3.15 -21.63 -18.75
C THR C 238 3.04 -20.50 -17.73
N LEU C 239 1.94 -20.49 -16.99
CA LEU C 239 1.73 -19.45 -15.98
C LEU C 239 2.77 -19.55 -14.88
N THR C 240 3.39 -20.71 -14.74
CA THR C 240 4.41 -20.91 -13.72
C THR C 240 5.76 -20.34 -14.19
N GLN C 241 6.07 -20.54 -15.47
CA GLN C 241 7.32 -20.04 -16.01
C GLN C 241 7.27 -18.52 -16.15
N SER C 242 6.15 -18.01 -16.65
CA SER C 242 6.00 -16.58 -16.84
C SER C 242 6.16 -15.86 -15.50
N ASP C 243 5.81 -16.54 -14.41
CA ASP C 243 5.95 -15.95 -13.09
C ASP C 243 7.40 -15.96 -12.63
N ASP C 244 8.20 -16.86 -13.19
CA ASP C 244 9.62 -16.93 -12.83
C ASP C 244 10.47 -16.20 -13.84
N ASN C 245 9.84 -15.75 -14.92
CA ASN C 245 10.55 -15.03 -15.96
C ASN C 245 10.82 -13.62 -15.42
N PRO C 246 12.10 -13.31 -15.16
CA PRO C 246 12.45 -11.98 -14.64
C PRO C 246 12.09 -10.87 -15.61
N ASN C 247 11.88 -11.24 -16.86
CA ASN C 247 11.54 -10.25 -17.89
C ASN C 247 10.03 -10.00 -18.04
N ILE C 248 9.27 -10.47 -17.07
CA ILE C 248 7.83 -10.26 -17.05
C ILE C 248 7.47 -9.63 -15.71
N ILE C 249 7.07 -8.36 -15.74
CA ILE C 249 6.69 -7.67 -14.53
C ILE C 249 5.18 -7.36 -14.51
N ASP C 250 4.48 -7.93 -13.55
CA ASP C 250 3.04 -7.74 -13.40
C ASP C 250 2.70 -6.60 -12.44
N GLY C 251 1.56 -5.97 -12.69
CA GLY C 251 1.09 -4.88 -11.85
C GLY C 251 -0.42 -4.70 -11.98
N ALA C 252 -1.03 -3.99 -11.03
CA ALA C 252 -2.47 -3.74 -11.04
C ALA C 252 -2.81 -2.40 -10.38
N SER C 253 -3.63 -1.61 -11.06
CA SER C 253 -3.98 -0.29 -10.56
C SER C 253 -5.16 0.27 -11.33
N ALA C 254 -5.91 1.16 -10.68
CA ALA C 254 -7.07 1.80 -11.28
C ALA C 254 -6.60 2.67 -12.43
N TRP C 255 -5.37 3.12 -12.33
CA TRP C 255 -4.78 3.98 -13.34
C TRP C 255 -3.30 3.70 -13.56
N PHE C 256 -2.78 4.21 -14.67
CA PHE C 256 -1.38 4.07 -15.03
C PHE C 256 -0.95 5.28 -15.86
N ASP C 257 0.26 5.75 -15.62
CA ASP C 257 0.82 6.86 -16.38
C ASP C 257 2.04 6.30 -17.09
N ILE C 258 2.06 6.41 -18.41
CA ILE C 258 3.20 5.92 -19.15
C ILE C 258 3.90 7.08 -19.85
N HIS C 259 5.20 7.16 -19.66
CA HIS C 259 6.01 8.19 -20.31
C HIS C 259 7.13 7.52 -21.07
N ALA C 260 7.23 7.81 -22.36
CA ALA C 260 8.28 7.24 -23.18
C ALA C 260 8.98 8.35 -23.95
N PRO C 261 10.25 8.62 -23.62
CA PRO C 261 11.01 9.67 -24.29
C PRO C 261 10.81 9.56 -25.80
N HIS C 262 10.87 8.33 -26.31
CA HIS C 262 10.65 8.07 -27.72
C HIS C 262 9.23 7.58 -27.88
N GLU C 263 8.50 8.21 -28.78
CA GLU C 263 7.11 7.88 -29.04
C GLU C 263 6.80 6.37 -29.06
N ILE C 264 5.86 5.97 -28.20
CA ILE C 264 5.42 4.58 -28.11
C ILE C 264 4.02 4.54 -28.71
N THR C 265 3.65 3.44 -29.35
CA THR C 265 2.32 3.38 -29.93
C THR C 265 1.55 2.18 -29.38
N PHE C 266 0.35 2.47 -28.90
CA PHE C 266 -0.53 1.45 -28.35
C PHE C 266 -1.55 0.96 -29.36
N ASN C 267 -2.12 -0.19 -29.06
CA ASN C 267 -3.15 -0.73 -29.91
C ASN C 267 -4.33 -0.94 -28.97
N LEU C 268 -5.34 -0.09 -29.10
CA LEU C 268 -6.53 -0.19 -28.26
C LEU C 268 -7.61 -0.98 -28.97
N ASP C 269 -7.58 -2.30 -28.80
CA ASP C 269 -8.54 -3.19 -29.43
C ASP C 269 -8.70 -2.94 -30.92
N GLY C 270 -7.60 -2.62 -31.60
CA GLY C 270 -7.66 -2.39 -33.02
C GLY C 270 -7.32 -0.98 -33.46
N GLU C 271 -7.65 0.00 -32.63
CA GLU C 271 -7.36 1.38 -32.97
C GLU C 271 -5.98 1.77 -32.46
N PRO C 272 -5.14 2.32 -33.36
CA PRO C 272 -3.78 2.75 -33.02
C PRO C 272 -3.76 4.13 -32.37
N LEU C 273 -2.79 4.34 -31.49
CA LEU C 273 -2.63 5.61 -30.78
C LEU C 273 -1.16 5.74 -30.44
N SER C 274 -0.54 6.84 -30.86
CA SER C 274 0.88 7.06 -30.60
C SER C 274 1.14 8.30 -29.77
N GLY C 275 2.33 8.37 -29.17
CA GLY C 275 2.66 9.51 -28.35
C GLY C 275 3.72 9.23 -27.31
N GLN C 276 4.00 10.22 -26.47
CA GLN C 276 5.01 10.07 -25.44
C GLN C 276 4.40 9.99 -24.07
N GLU C 277 3.13 10.36 -23.95
CA GLU C 277 2.47 10.32 -22.66
C GLU C 277 1.10 9.69 -22.74
N PHE C 278 0.84 8.76 -21.82
CA PHE C 278 -0.45 8.11 -21.79
C PHE C 278 -0.98 8.00 -20.37
N HIS C 279 -2.19 8.52 -20.16
CA HIS C 279 -2.83 8.39 -18.86
C HIS C 279 -3.91 7.33 -19.11
N ILE C 280 -3.94 6.29 -18.29
CA ILE C 280 -4.90 5.22 -18.49
C ILE C 280 -5.67 4.96 -17.23
N GLU C 281 -6.98 5.14 -17.31
CA GLU C 281 -7.82 4.97 -16.14
C GLU C 281 -8.99 4.06 -16.38
N VAL C 282 -9.38 3.34 -15.35
CA VAL C 282 -10.53 2.47 -15.44
C VAL C 282 -11.77 3.32 -15.13
N LEU C 283 -12.84 3.09 -15.88
CA LEU C 283 -14.11 3.79 -15.67
C LEU C 283 -14.98 2.68 -15.08
N PRO C 284 -14.98 2.55 -13.75
CA PRO C 284 -15.74 1.53 -13.00
C PRO C 284 -17.23 1.46 -13.32
N GLY C 285 -17.70 0.25 -13.63
CA GLY C 285 -19.09 0.05 -13.98
C GLY C 285 -19.61 1.11 -14.92
N ALA C 286 -18.86 1.41 -15.98
CA ALA C 286 -19.27 2.43 -16.94
C ALA C 286 -20.45 1.96 -17.79
N LEU C 287 -20.59 0.65 -17.98
CA LEU C 287 -21.70 0.14 -18.76
C LEU C 287 -22.18 -1.23 -18.34
N ARG C 288 -23.45 -1.51 -18.62
CA ARG C 288 -24.05 -2.79 -18.31
C ARG C 288 -23.85 -3.67 -19.53
N CYS C 289 -23.69 -4.96 -19.32
CA CYS C 289 -23.48 -5.88 -20.42
C CYS C 289 -24.11 -7.22 -20.09
N ARG C 290 -24.84 -7.80 -21.03
CA ARG C 290 -25.48 -9.07 -20.78
C ARG C 290 -24.47 -10.20 -20.95
N LEU C 291 -24.01 -10.71 -19.82
CA LEU C 291 -23.03 -11.80 -19.77
C LEU C 291 -23.66 -13.03 -19.15
N PRO C 292 -23.15 -14.22 -19.47
CA PRO C 292 -23.71 -15.44 -18.89
C PRO C 292 -23.54 -15.39 -17.38
N PRO C 293 -24.46 -16.02 -16.62
CA PRO C 293 -24.40 -16.03 -15.16
C PRO C 293 -23.06 -16.46 -14.55
N ASP C 294 -22.27 -17.21 -15.29
CA ASP C 294 -20.97 -17.68 -14.79
C ASP C 294 -19.84 -17.25 -15.72
N CYS C 295 -19.71 -15.94 -15.92
CA CYS C 295 -18.68 -15.37 -16.78
C CYS C 295 -17.32 -15.43 -16.09
N PRO C 296 -16.31 -15.98 -16.78
CA PRO C 296 -14.92 -16.13 -16.29
C PRO C 296 -14.26 -14.82 -15.89
N LEU C 297 -14.64 -13.73 -16.54
CA LEU C 297 -14.07 -12.42 -16.28
C LEU C 297 -14.76 -11.65 -15.15
N LEU C 298 -15.73 -12.28 -14.49
CA LEU C 298 -16.46 -11.59 -13.42
C LEU C 298 -16.08 -11.98 -12.00
N ARG C 299 -15.79 -10.95 -11.21
CA ARG C 299 -15.42 -11.07 -9.80
C ARG C 299 -16.25 -12.16 -9.11
N MSE D 1 18.83 -20.58 42.55
CA MSE D 1 19.79 -19.64 41.91
C MSE D 1 19.82 -19.80 40.39
O MSE D 1 20.18 -18.86 39.68
CB MSE D 1 21.19 -19.84 42.50
CG MSE D 1 22.27 -18.96 41.90
SE MSE D 1 23.09 -19.75 40.33
CE MSE D 1 24.79 -20.28 41.10
N ALA D 2 19.43 -20.98 39.89
CA ALA D 2 19.40 -21.21 38.45
C ALA D 2 18.27 -20.36 37.87
N ASN D 3 17.37 -19.95 38.75
CA ASN D 3 16.25 -19.11 38.36
C ASN D 3 16.65 -17.65 38.35
N PHE D 4 17.92 -17.39 38.67
CA PHE D 4 18.43 -16.02 38.71
C PHE D 4 19.77 -15.82 38.03
N PRO D 5 19.83 -15.90 36.68
CA PRO D 5 21.13 -15.71 36.04
C PRO D 5 21.79 -14.44 36.59
N ALA D 6 23.11 -14.42 36.55
CA ALA D 6 23.87 -13.27 37.05
C ALA D 6 23.45 -11.98 36.34
N SER D 7 23.62 -10.85 37.01
CA SER D 7 23.26 -9.57 36.43
C SER D 7 24.08 -8.39 36.96
N LEU D 8 24.14 -7.33 36.16
CA LEU D 8 24.84 -6.10 36.48
C LEU D 8 23.75 -5.02 36.56
N LEU D 9 23.68 -4.32 37.69
CA LEU D 9 22.68 -3.24 37.84
C LEU D 9 23.32 -1.86 37.69
N ILE D 10 22.97 -1.15 36.63
CA ILE D 10 23.47 0.19 36.36
C ILE D 10 22.51 1.22 36.98
N LEU D 11 22.82 1.65 38.19
CA LEU D 11 22.02 2.57 38.98
C LEU D 11 22.32 4.05 38.76
N ASN D 12 21.27 4.85 38.56
CA ASN D 12 21.42 6.30 38.36
C ASN D 12 21.91 6.92 39.67
N GLY D 13 22.83 7.88 39.56
CA GLY D 13 23.36 8.55 40.74
C GLY D 13 22.29 9.03 41.69
N LYS D 14 21.18 9.48 41.13
CA LYS D 14 20.06 9.98 41.91
C LYS D 14 19.50 8.92 42.87
N SER D 15 19.75 7.65 42.60
CA SER D 15 19.25 6.58 43.47
C SER D 15 20.38 5.85 44.21
N ALA D 16 21.60 6.34 44.06
CA ALA D 16 22.77 5.74 44.70
C ALA D 16 22.60 5.42 46.18
N ASP D 17 21.81 6.23 46.89
CA ASP D 17 21.63 6.00 48.33
C ASP D 17 20.26 5.43 48.70
N ASN D 18 19.59 4.79 47.75
CA ASN D 18 18.29 4.20 47.98
C ASN D 18 18.44 2.96 48.88
N GLN D 19 18.05 3.10 50.14
CA GLN D 19 18.18 2.00 51.10
C GLN D 19 17.36 0.74 50.83
N PRO D 20 16.06 0.90 50.56
CA PRO D 20 15.21 -0.27 50.29
C PRO D 20 15.83 -1.20 49.24
N LEU D 21 16.39 -0.60 48.19
CA LEU D 21 17.01 -1.35 47.11
C LEU D 21 18.26 -2.05 47.62
N ARG D 22 18.99 -1.38 48.50
CA ARG D 22 20.21 -1.96 49.07
C ARG D 22 19.84 -3.20 49.87
N GLU D 23 18.86 -3.06 50.76
CA GLU D 23 18.42 -4.19 51.59
C GLU D 23 17.96 -5.30 50.66
N ALA D 24 17.24 -4.92 49.62
CA ALA D 24 16.73 -5.87 48.65
C ALA D 24 17.88 -6.63 48.00
N ILE D 25 18.81 -5.90 47.41
CA ILE D 25 19.96 -6.52 46.78
C ILE D 25 20.68 -7.41 47.77
N THR D 26 20.75 -6.97 49.03
CA THR D 26 21.43 -7.73 50.06
C THR D 26 20.82 -9.11 50.22
N LEU D 27 19.50 -9.16 50.42
CA LEU D 27 18.82 -10.44 50.58
C LEU D 27 19.14 -11.37 49.39
N LEU D 28 18.93 -10.87 48.19
CA LEU D 28 19.18 -11.64 46.98
C LEU D 28 20.60 -12.16 46.92
N ARG D 29 21.56 -11.32 47.28
CA ARG D 29 22.95 -11.73 47.25
C ARG D 29 23.23 -12.79 48.32
N ASP D 30 22.27 -12.99 49.22
CA ASP D 30 22.41 -13.98 50.29
C ASP D 30 22.12 -15.42 49.83
N GLU D 31 21.30 -15.56 48.79
CA GLU D 31 20.95 -16.88 48.25
C GLU D 31 21.93 -17.35 47.17
N GLY D 32 23.07 -16.69 47.09
CA GLY D 32 24.06 -17.06 46.09
C GLY D 32 23.79 -16.35 44.77
N ILE D 33 22.90 -15.37 44.80
CA ILE D 33 22.57 -14.62 43.60
C ILE D 33 23.59 -13.52 43.32
N GLN D 34 24.13 -13.53 42.11
CA GLN D 34 25.12 -12.55 41.71
C GLN D 34 24.51 -11.29 41.12
N ILE D 35 24.62 -10.19 41.86
CA ILE D 35 24.10 -8.93 41.40
C ILE D 35 25.19 -7.86 41.54
N HIS D 36 25.80 -7.48 40.43
CA HIS D 36 26.83 -6.45 40.42
C HIS D 36 26.13 -5.10 40.41
N VAL D 37 26.70 -4.11 41.08
CA VAL D 37 26.10 -2.79 41.14
C VAL D 37 27.11 -1.71 40.76
N ARG D 38 26.68 -0.82 39.89
CA ARG D 38 27.49 0.29 39.40
C ARG D 38 26.57 1.51 39.41
N VAL D 39 27.12 2.69 39.63
CA VAL D 39 26.28 3.87 39.63
C VAL D 39 26.87 4.89 38.69
N THR D 40 25.99 5.49 37.89
CA THR D 40 26.39 6.49 36.90
C THR D 40 26.33 7.87 37.52
N TRP D 41 27.13 8.77 36.97
CA TRP D 41 27.19 10.12 37.47
C TRP D 41 26.87 11.09 36.37
N GLU D 42 27.11 10.67 35.13
CA GLU D 42 26.86 11.51 33.96
C GLU D 42 26.64 10.67 32.70
N LYS D 43 26.33 11.34 31.59
CA LYS D 43 26.12 10.66 30.34
C LYS D 43 27.44 10.08 29.86
N GLY D 44 27.42 8.80 29.48
CA GLY D 44 28.62 8.14 29.01
C GLY D 44 29.04 7.02 29.94
N ASP D 45 28.63 7.11 31.19
CA ASP D 45 29.01 6.08 32.15
C ASP D 45 28.31 4.77 31.86
N ALA D 46 27.01 4.84 31.58
CA ALA D 46 26.23 3.66 31.29
C ALA D 46 26.97 2.78 30.29
N GLN D 47 27.45 3.39 29.22
CA GLN D 47 28.17 2.65 28.20
C GLN D 47 29.33 1.88 28.81
N ARG D 48 30.10 2.57 29.63
CA ARG D 48 31.26 1.96 30.28
C ARG D 48 30.88 0.71 31.08
N TYR D 49 29.82 0.78 31.87
CA TYR D 49 29.42 -0.37 32.67
C TYR D 49 28.71 -1.46 31.90
N VAL D 50 28.18 -1.16 30.73
CA VAL D 50 27.54 -2.20 29.93
C VAL D 50 28.72 -3.04 29.40
N ASP D 51 29.79 -2.35 29.00
CA ASP D 51 30.96 -3.04 28.51
C ASP D 51 31.57 -3.94 29.58
N GLU D 52 31.66 -3.45 30.82
CA GLU D 52 32.18 -4.28 31.89
C GLU D 52 31.19 -5.43 32.03
N ALA D 53 29.90 -5.11 31.93
CA ALA D 53 28.84 -6.13 32.04
C ALA D 53 29.10 -7.28 31.07
N ARG D 54 29.41 -6.95 29.82
CA ARG D 54 29.68 -7.99 28.82
C ARG D 54 30.90 -8.82 29.28
N ARG D 55 31.98 -8.13 29.65
CA ARG D 55 33.18 -8.84 30.08
C ARG D 55 32.87 -9.78 31.22
N LEU D 56 32.04 -9.35 32.16
CA LEU D 56 31.69 -10.20 33.29
C LEU D 56 30.80 -11.34 32.82
N GLY D 57 30.30 -11.25 31.61
CA GLY D 57 29.44 -12.30 31.07
C GLY D 57 28.08 -12.47 31.76
N VAL D 58 27.53 -11.39 32.30
CA VAL D 58 26.23 -11.45 32.96
C VAL D 58 25.14 -11.64 31.91
N GLU D 59 24.01 -12.19 32.33
CA GLU D 59 22.91 -12.40 31.40
C GLU D 59 21.91 -11.25 31.40
N THR D 60 22.05 -10.34 32.37
CA THR D 60 21.14 -9.20 32.44
C THR D 60 21.79 -7.90 32.91
N VAL D 61 21.50 -6.83 32.20
CA VAL D 61 21.97 -5.51 32.56
C VAL D 61 20.68 -4.75 32.92
N ILE D 62 20.47 -4.52 34.20
CA ILE D 62 19.27 -3.81 34.67
C ILE D 62 19.49 -2.31 34.73
N ALA D 63 18.60 -1.55 34.09
CA ALA D 63 18.70 -0.11 34.10
C ALA D 63 17.89 0.41 35.30
N GLY D 64 18.57 0.98 36.29
CA GLY D 64 17.90 1.51 37.46
C GLY D 64 17.81 3.02 37.38
N GLY D 65 16.64 3.53 37.01
CA GLY D 65 16.46 4.97 36.88
C GLY D 65 15.35 5.31 35.92
N GLY D 66 15.40 6.52 35.36
CA GLY D 66 14.37 6.97 34.46
C GLY D 66 14.54 6.58 33.00
N ASP D 67 13.69 7.15 32.15
CA ASP D 67 13.74 6.86 30.73
C ASP D 67 15.11 7.19 30.13
N GLY D 68 15.78 8.19 30.70
CA GLY D 68 17.09 8.57 30.19
C GLY D 68 18.12 7.47 30.41
N THR D 69 18.04 6.84 31.58
CA THR D 69 18.95 5.76 31.94
C THR D 69 18.64 4.50 31.16
N ILE D 70 17.35 4.24 30.91
CA ILE D 70 16.95 3.08 30.14
C ILE D 70 17.48 3.26 28.73
N ASN D 71 17.33 4.46 28.20
CA ASN D 71 17.79 4.75 26.86
C ASN D 71 19.30 4.59 26.71
N GLU D 72 20.06 5.11 27.67
CA GLU D 72 21.52 5.02 27.60
C GLU D 72 21.97 3.57 27.66
N VAL D 73 21.35 2.78 28.54
CA VAL D 73 21.71 1.38 28.66
C VAL D 73 21.33 0.64 27.38
N SER D 74 20.07 0.77 26.98
CA SER D 74 19.58 0.10 25.77
C SER D 74 20.45 0.44 24.59
N THR D 75 20.75 1.73 24.44
CA THR D 75 21.59 2.16 23.33
C THR D 75 22.91 1.39 23.32
N ALA D 76 23.55 1.29 24.49
CA ALA D 76 24.82 0.58 24.63
C ALA D 76 24.66 -0.92 24.43
N LEU D 77 23.44 -1.41 24.67
CA LEU D 77 23.13 -2.82 24.54
C LEU D 77 22.99 -3.26 23.08
N ILE D 78 22.62 -2.35 22.18
CA ILE D 78 22.48 -2.75 20.77
C ILE D 78 23.77 -2.52 20.01
N GLN D 79 24.76 -1.90 20.65
CA GLN D 79 26.03 -1.64 20.00
C GLN D 79 26.56 -2.96 19.44
N ILE D 80 26.91 -2.95 18.17
CA ILE D 80 27.43 -4.15 17.51
C ILE D 80 28.73 -4.58 18.16
N ARG D 81 28.72 -5.78 18.75
CA ARG D 81 29.90 -6.33 19.43
C ARG D 81 30.12 -7.80 19.08
N ASP D 82 30.99 -8.46 19.85
CA ASP D 82 31.27 -9.87 19.66
C ASP D 82 30.53 -10.58 20.78
N GLY D 83 29.82 -11.65 20.45
CA GLY D 83 29.10 -12.36 21.49
C GLY D 83 27.67 -11.89 21.62
N VAL D 84 26.90 -12.64 22.42
CA VAL D 84 25.50 -12.36 22.67
C VAL D 84 25.34 -11.28 23.72
N ALA D 85 24.66 -10.19 23.34
CA ALA D 85 24.43 -9.10 24.26
C ALA D 85 23.55 -9.55 25.42
N PRO D 86 23.76 -8.98 26.61
CA PRO D 86 22.94 -9.39 27.75
C PRO D 86 21.55 -8.84 27.48
N ALA D 87 20.55 -9.35 28.20
CA ALA D 87 19.18 -8.87 28.03
C ALA D 87 19.00 -7.62 28.90
N LEU D 88 18.04 -6.78 28.54
CA LEU D 88 17.76 -5.57 29.30
C LEU D 88 16.73 -5.82 30.40
N GLY D 89 17.02 -5.32 31.60
CA GLY D 89 16.11 -5.45 32.73
C GLY D 89 15.70 -4.05 33.14
N LEU D 90 14.48 -3.89 33.67
CA LEU D 90 13.99 -2.57 34.07
C LEU D 90 13.65 -2.41 35.54
N LEU D 91 14.22 -1.38 36.15
CA LEU D 91 13.99 -1.06 37.56
C LEU D 91 13.69 0.44 37.62
N PRO D 92 12.42 0.84 37.55
CA PRO D 92 11.95 2.23 37.59
C PRO D 92 12.28 2.98 38.88
N LEU D 93 13.16 3.98 38.78
CA LEU D 93 13.55 4.74 39.96
C LEU D 93 13.61 6.24 39.71
N GLY D 94 13.67 6.64 38.45
CA GLY D 94 13.72 8.06 38.13
C GLY D 94 12.38 8.71 38.36
N THR D 95 12.29 10.01 38.06
CA THR D 95 11.04 10.72 38.21
C THR D 95 10.24 10.38 36.97
N ALA D 96 10.93 10.35 35.83
CA ALA D 96 10.32 10.03 34.55
C ALA D 96 10.31 8.52 34.34
N ASN D 97 9.12 7.91 34.42
CA ASN D 97 9.02 6.47 34.22
C ASN D 97 7.99 6.05 33.19
N ASP D 98 7.84 6.84 32.12
CA ASP D 98 6.88 6.53 31.08
C ASP D 98 7.02 5.13 30.49
N PHE D 99 8.18 4.81 29.93
CA PHE D 99 8.36 3.49 29.35
C PHE D 99 8.06 2.38 30.33
N ALA D 100 8.73 2.41 31.47
CA ALA D 100 8.53 1.37 32.48
C ALA D 100 7.05 1.23 32.82
N THR D 101 6.38 2.36 33.01
CA THR D 101 4.96 2.34 33.33
C THR D 101 4.14 1.76 32.19
N SER D 102 4.31 2.31 30.99
CA SER D 102 3.57 1.81 29.82
C SER D 102 3.77 0.31 29.62
N ALA D 103 4.95 -0.21 29.98
CA ALA D 103 5.23 -1.63 29.81
C ALA D 103 4.68 -2.47 30.96
N GLY D 104 4.12 -1.80 31.95
CA GLY D 104 3.55 -2.51 33.09
C GLY D 104 4.52 -3.19 34.05
N ILE D 105 5.68 -2.58 34.32
CA ILE D 105 6.59 -3.22 35.26
C ILE D 105 6.19 -2.82 36.67
N PRO D 106 6.13 -3.80 37.58
CA PRO D 106 5.77 -3.67 39.00
C PRO D 106 6.25 -2.39 39.69
N GLU D 107 5.41 -1.84 40.57
CA GLU D 107 5.76 -0.64 41.31
C GLU D 107 6.70 -1.09 42.44
N ALA D 108 6.29 -2.14 43.13
CA ALA D 108 7.06 -2.69 44.23
C ALA D 108 8.49 -2.95 43.77
N LEU D 109 9.42 -2.24 44.40
CA LEU D 109 10.84 -2.36 44.09
C LEU D 109 11.28 -3.82 44.05
N ASP D 110 11.04 -4.53 45.15
CA ASP D 110 11.42 -5.93 45.24
C ASP D 110 10.78 -6.80 44.16
N LYS D 111 9.57 -6.45 43.76
CA LYS D 111 8.84 -7.23 42.76
C LYS D 111 9.34 -6.92 41.35
N ALA D 112 9.95 -5.76 41.16
CA ALA D 112 10.47 -5.38 39.86
C ALA D 112 11.84 -6.01 39.67
N LEU D 113 12.56 -6.20 40.77
CA LEU D 113 13.88 -6.80 40.72
C LEU D 113 13.75 -8.24 40.28
N LYS D 114 12.73 -8.93 40.82
CA LYS D 114 12.51 -10.33 40.46
C LYS D 114 12.31 -10.46 38.96
N LEU D 115 11.44 -9.60 38.41
CA LEU D 115 11.15 -9.63 36.99
C LEU D 115 12.40 -9.36 36.17
N ALA D 116 13.17 -8.33 36.56
CA ALA D 116 14.39 -7.97 35.85
C ALA D 116 15.50 -9.02 35.89
N ILE D 117 15.49 -9.88 36.91
CA ILE D 117 16.50 -10.91 37.03
C ILE D 117 16.00 -12.27 36.57
N ALA D 118 14.77 -12.60 36.96
CA ALA D 118 14.21 -13.91 36.62
C ALA D 118 13.32 -13.94 35.39
N GLY D 119 12.62 -12.85 35.12
CA GLY D 119 11.71 -12.80 33.97
C GLY D 119 12.29 -13.33 32.69
N ASN D 120 11.41 -13.54 31.71
CA ASN D 120 11.83 -14.02 30.40
C ASN D 120 12.06 -12.77 29.56
N ALA D 121 12.92 -12.87 28.56
CA ALA D 121 13.19 -11.72 27.71
C ALA D 121 12.50 -11.85 26.37
N MSE D 122 11.89 -10.76 25.92
CA MSE D 122 11.21 -10.73 24.63
C MSE D 122 12.00 -9.80 23.72
O MSE D 122 12.53 -8.79 24.17
CB MSE D 122 9.78 -10.18 24.76
CG MSE D 122 8.72 -11.20 25.13
SE MSE D 122 8.80 -11.69 26.99
CE MSE D 122 7.57 -10.40 27.72
N GLU D 123 12.07 -10.13 22.44
CA GLU D 123 12.78 -9.25 21.54
C GLU D 123 11.87 -8.06 21.26
N ILE D 124 12.42 -6.85 21.37
CA ILE D 124 11.65 -5.66 21.09
C ILE D 124 12.44 -4.77 20.16
N ASP D 125 11.73 -3.78 19.61
CA ASP D 125 12.29 -2.83 18.66
C ASP D 125 13.03 -1.67 19.29
N MSE D 126 13.57 -0.83 18.43
CA MSE D 126 14.29 0.35 18.85
C MSE D 126 14.33 1.31 17.67
O MSE D 126 14.41 0.88 16.52
CB MSE D 126 15.72 -0.02 19.27
CG MSE D 126 16.40 1.06 20.07
SE MSE D 126 16.58 0.57 21.92
CE MSE D 126 18.51 0.63 21.97
N ALA D 127 14.25 2.60 17.94
CA ALA D 127 14.31 3.57 16.86
C ALA D 127 15.70 4.19 16.78
N MSE D 128 16.12 4.49 15.57
CA MSE D 128 17.42 5.09 15.35
C MSE D 128 17.20 6.39 14.60
O MSE D 128 16.40 6.46 13.69
CB MSE D 128 18.29 4.14 14.52
CG MSE D 128 19.67 4.66 14.19
SE MSE D 128 20.72 3.33 13.25
CE MSE D 128 21.23 2.26 14.77
N VAL D 129 17.94 7.41 15.00
CA VAL D 129 17.80 8.70 14.35
C VAL D 129 19.12 9.16 13.75
N ASN D 130 19.09 9.48 12.46
CA ASN D 130 20.28 9.93 11.75
C ASN D 130 21.48 8.98 11.93
N ASP D 131 21.20 7.70 12.12
CA ASP D 131 22.23 6.67 12.25
C ASP D 131 23.19 6.84 13.42
N LYS D 132 23.02 7.89 14.20
CA LYS D 132 23.91 8.13 15.33
C LYS D 132 23.27 7.86 16.68
N THR D 133 22.12 8.47 16.95
CA THR D 133 21.45 8.30 18.24
C THR D 133 20.27 7.32 18.21
N CYS D 134 19.76 6.97 19.39
CA CYS D 134 18.66 6.03 19.52
C CYS D 134 17.65 6.43 20.58
N PHE D 135 16.55 5.69 20.62
CA PHE D 135 15.51 5.89 21.62
C PHE D 135 14.59 4.69 21.66
N ILE D 136 14.21 4.29 22.87
CA ILE D 136 13.34 3.13 23.09
C ILE D 136 11.88 3.52 23.22
N ASN D 137 11.63 4.66 23.84
CA ASN D 137 10.26 5.05 24.07
C ASN D 137 9.63 6.07 23.14
N MSE D 138 10.11 7.30 23.18
CA MSE D 138 9.48 8.35 22.39
C MSE D 138 10.37 9.49 21.92
O MSE D 138 11.28 9.93 22.63
CB MSE D 138 8.32 8.93 23.20
CG MSE D 138 7.58 10.11 22.58
SE MSE D 138 6.08 9.55 21.48
CE MSE D 138 5.23 8.39 22.77
N ALA D 139 10.07 9.98 20.74
CA ALA D 139 10.76 11.13 20.18
C ALA D 139 9.63 12.15 19.96
N THR D 140 9.94 13.43 20.10
CA THR D 140 8.95 14.48 19.90
C THR D 140 9.70 15.67 19.35
N GLY D 141 9.15 16.32 18.34
CA GLY D 141 9.81 17.46 17.75
C GLY D 141 8.92 18.67 17.61
N GLY D 142 9.54 19.84 17.56
CA GLY D 142 8.81 21.09 17.41
C GLY D 142 9.77 22.19 17.01
N PHE D 143 9.24 23.40 16.80
CA PHE D 143 10.06 24.54 16.42
C PHE D 143 10.06 25.63 17.48
N GLY D 144 11.25 26.15 17.80
CA GLY D 144 11.35 27.20 18.80
C GLY D 144 11.81 26.69 20.15
N GLY D 161 2.13 27.59 35.98
CA GLY D 161 1.62 27.73 34.62
C GLY D 161 1.44 26.37 33.98
N VAL D 162 0.71 26.33 32.87
CA VAL D 162 0.47 25.06 32.17
C VAL D 162 1.65 24.74 31.27
N SER D 163 2.59 25.68 31.19
CA SER D 163 3.79 25.52 30.40
C SER D 163 4.57 24.32 30.93
N TYR D 164 4.51 24.13 32.25
CA TYR D 164 5.19 23.02 32.92
C TYR D 164 4.92 21.69 32.22
N LEU D 165 3.87 21.64 31.40
CA LEU D 165 3.51 20.41 30.69
C LEU D 165 4.17 20.36 29.32
N ILE D 166 4.21 21.51 28.64
CA ILE D 166 4.82 21.61 27.33
C ILE D 166 6.34 21.38 27.43
N HIS D 167 6.90 21.72 28.59
CA HIS D 167 8.34 21.56 28.82
C HIS D 167 8.68 20.18 29.40
N GLY D 168 7.76 19.62 30.18
CA GLY D 168 8.00 18.31 30.77
C GLY D 168 7.96 17.22 29.72
N LEU D 169 7.44 17.57 28.55
CA LEU D 169 7.33 16.64 27.44
C LEU D 169 8.36 16.96 26.37
N MSE D 170 8.85 18.19 26.37
CA MSE D 170 9.85 18.65 25.40
C MSE D 170 10.70 19.79 25.93
O MSE D 170 10.31 20.49 26.87
CB MSE D 170 9.14 19.12 24.13
CG MSE D 170 8.23 18.10 23.50
SE MSE D 170 7.04 18.89 22.24
CE MSE D 170 8.32 19.28 20.84
N ARG D 171 11.87 19.99 25.32
CA ARG D 171 12.77 21.07 25.71
C ARG D 171 12.24 22.38 25.14
N MSE D 172 11.01 22.33 24.63
CA MSE D 172 10.37 23.50 24.02
C MSE D 172 9.75 24.40 25.07
O MSE D 172 9.59 24.01 26.22
CB MSE D 172 9.30 23.02 23.04
CG MSE D 172 9.82 22.16 21.90
SE MSE D 172 10.93 23.12 20.65
CE MSE D 172 12.64 22.91 21.53
N ASP D 173 9.39 25.62 24.66
CA ASP D 173 8.78 26.59 25.56
C ASP D 173 7.40 26.98 25.06
N THR D 174 7.36 27.75 23.98
CA THR D 174 6.11 28.19 23.37
C THR D 174 6.15 27.83 21.89
N LEU D 175 5.74 26.60 21.60
CA LEU D 175 5.72 26.07 20.24
C LEU D 175 5.08 26.95 19.19
N THR D 176 5.45 26.70 17.94
CA THR D 176 4.93 27.45 16.81
C THR D 176 4.96 26.58 15.56
N PRO D 177 3.87 26.57 14.78
CA PRO D 177 3.83 25.77 13.56
C PRO D 177 4.80 26.28 12.51
N ASP D 178 5.59 25.37 11.95
CA ASP D 178 6.55 25.73 10.92
C ASP D 178 6.53 24.61 9.88
N ARG D 179 6.77 24.96 8.62
CA ARG D 179 6.73 23.97 7.55
C ARG D 179 7.75 22.84 7.68
N CYS D 180 7.36 21.65 7.22
CA CYS D 180 8.22 20.49 7.23
C CYS D 180 7.59 19.38 6.37
N GLU D 181 8.43 18.58 5.72
CA GLU D 181 7.96 17.49 4.85
C GLU D 181 8.21 16.15 5.54
N ILE D 182 7.27 15.22 5.39
CA ILE D 182 7.40 13.92 6.04
C ILE D 182 7.08 12.74 5.12
N ARG D 183 8.02 11.80 5.03
CA ARG D 183 7.84 10.61 4.20
C ARG D 183 8.04 9.29 4.91
N GLY D 184 7.26 8.30 4.49
CA GLY D 184 7.32 6.96 5.06
C GLY D 184 6.72 5.97 4.11
N GLU D 185 6.53 4.72 4.54
CA GLU D 185 5.92 3.71 3.69
C GLU D 185 4.48 4.10 3.46
N ASN D 186 4.10 4.34 2.21
CA ASN D 186 2.73 4.72 1.91
C ASN D 186 2.37 5.96 2.73
N PHE D 187 3.28 6.93 2.78
CA PHE D 187 3.04 8.13 3.55
C PHE D 187 3.85 9.31 3.01
N HIS D 188 3.15 10.38 2.70
CA HIS D 188 3.79 11.59 2.20
C HIS D 188 2.93 12.77 2.61
N TRP D 189 3.40 13.57 3.56
CA TRP D 189 2.65 14.73 4.01
C TRP D 189 3.55 15.96 4.05
N GLN D 190 2.94 17.13 3.90
CA GLN D 190 3.67 18.38 3.90
C GLN D 190 2.78 19.51 4.42
N GLY D 191 3.38 20.45 5.14
CA GLY D 191 2.62 21.56 5.69
C GLY D 191 3.22 22.10 6.98
N ASP D 192 2.47 22.97 7.66
CA ASP D 192 2.96 23.53 8.92
C ASP D 192 2.57 22.63 10.06
N ALA D 193 3.56 22.24 10.86
CA ALA D 193 3.33 21.35 11.97
C ALA D 193 3.72 22.03 13.27
N LEU D 194 3.04 21.70 14.34
CA LEU D 194 3.33 22.28 15.64
C LEU D 194 4.20 21.30 16.39
N VAL D 195 3.72 20.07 16.49
CA VAL D 195 4.43 19.00 17.18
C VAL D 195 4.46 17.71 16.37
N ILE D 196 5.64 17.11 16.28
CA ILE D 196 5.80 15.86 15.57
C ILE D 196 6.11 14.76 16.57
N GLY D 197 5.22 13.78 16.68
CA GLY D 197 5.43 12.70 17.64
C GLY D 197 5.72 11.37 16.97
N ILE D 198 6.87 10.79 17.30
CA ILE D 198 7.25 9.50 16.74
C ILE D 198 7.55 8.56 17.89
N GLY D 199 6.67 7.60 18.12
CA GLY D 199 6.87 6.69 19.22
C GLY D 199 7.08 5.23 18.91
N ASN D 200 7.89 4.60 19.76
CA ASN D 200 8.15 3.18 19.67
C ASN D 200 7.26 2.71 20.80
N GLY D 201 7.23 3.52 21.86
CA GLY D 201 6.41 3.27 23.02
C GLY D 201 5.16 4.14 22.87
N ARG D 202 4.36 4.26 23.92
CA ARG D 202 3.14 5.03 23.81
C ARG D 202 3.02 6.38 24.50
N GLN D 203 3.69 6.57 25.63
CA GLN D 203 3.60 7.84 26.36
C GLN D 203 4.94 8.49 26.65
N ALA D 204 4.89 9.80 26.91
CA ALA D 204 6.08 10.57 27.23
C ALA D 204 5.73 11.76 28.12
N GLY D 205 6.74 12.48 28.59
CA GLY D 205 6.51 13.64 29.43
C GLY D 205 5.59 13.37 30.62
N GLY D 206 5.71 12.18 31.20
CA GLY D 206 4.90 11.84 32.35
C GLY D 206 3.43 11.54 32.11
N GLY D 207 3.13 10.35 31.58
CA GLY D 207 1.75 9.95 31.35
C GLY D 207 0.98 10.45 30.14
N GLN D 208 1.54 11.39 29.36
CA GLN D 208 0.81 11.89 28.21
C GLN D 208 0.82 10.90 27.03
N GLN D 209 -0.34 10.32 26.74
CA GLN D 209 -0.50 9.37 25.64
C GLN D 209 -0.35 10.08 24.30
N LEU D 210 0.56 9.63 23.45
CA LEU D 210 0.77 10.26 22.15
C LEU D 210 0.64 9.31 20.97
N CYS D 211 0.99 8.05 21.20
CA CYS D 211 0.90 7.03 20.16
C CYS D 211 0.31 5.81 20.87
N PRO D 212 -0.97 5.92 21.27
CA PRO D 212 -1.75 4.90 21.97
C PRO D 212 -1.84 3.52 21.33
N THR D 213 -1.46 3.41 20.06
CA THR D 213 -1.53 2.12 19.38
C THR D 213 -0.19 1.40 19.31
N ALA D 214 0.89 2.15 19.49
CA ALA D 214 2.25 1.61 19.43
C ALA D 214 2.49 0.27 20.11
N LEU D 215 3.32 -0.56 19.47
CA LEU D 215 3.70 -1.86 19.99
C LEU D 215 5.22 -1.92 19.86
N ILE D 216 5.91 -2.39 20.89
CA ILE D 216 7.38 -2.42 20.86
C ILE D 216 8.02 -3.63 20.15
N ASN D 217 7.23 -4.39 19.40
CA ASN D 217 7.75 -5.55 18.68
C ASN D 217 6.98 -5.82 17.39
N ASP D 218 6.59 -4.76 16.69
CA ASP D 218 5.86 -4.91 15.44
C ASP D 218 6.72 -4.44 14.26
N GLY D 219 7.88 -3.89 14.54
CA GLY D 219 8.74 -3.42 13.48
C GLY D 219 8.26 -2.13 12.84
N LEU D 220 7.40 -1.40 13.54
CA LEU D 220 6.86 -0.15 13.03
C LEU D 220 7.09 1.01 13.99
N LEU D 221 6.84 2.21 13.50
CA LEU D 221 6.99 3.41 14.33
C LEU D 221 5.74 4.23 14.15
N GLN D 222 5.07 4.53 15.24
CA GLN D 222 3.86 5.33 15.19
C GLN D 222 4.20 6.80 15.04
N LEU D 223 3.54 7.47 14.12
CA LEU D 223 3.74 8.90 13.89
C LEU D 223 2.45 9.65 14.24
N ARG D 224 2.60 10.86 14.77
CA ARG D 224 1.46 11.68 15.17
C ARG D 224 1.81 13.13 14.93
N ILE D 225 1.14 13.76 13.97
CA ILE D 225 1.42 15.16 13.66
C ILE D 225 0.31 16.03 14.22
N PHE D 226 0.69 17.04 14.98
CA PHE D 226 -0.27 17.99 15.54
C PHE D 226 -0.13 19.27 14.76
N THR D 227 -1.20 19.67 14.07
CA THR D 227 -1.19 20.89 13.28
C THR D 227 -1.97 21.93 14.06
N GLY D 228 -2.03 23.15 13.53
CA GLY D 228 -2.75 24.19 14.22
C GLY D 228 -1.89 24.93 15.22
N GLU D 229 -2.49 25.91 15.89
CA GLU D 229 -1.81 26.75 16.87
C GLU D 229 -1.89 26.20 18.29
N GLU D 230 -2.94 25.45 18.57
CA GLU D 230 -3.17 24.88 19.90
C GLU D 230 -2.72 23.42 19.99
N LEU D 231 -2.50 22.97 21.21
CA LEU D 231 -2.04 21.62 21.45
C LEU D 231 -2.55 21.00 22.73
N LEU D 232 -2.42 21.74 23.83
CA LEU D 232 -2.82 21.21 25.11
C LEU D 232 -4.21 20.59 25.16
N PRO D 233 -5.24 21.31 24.68
CA PRO D 233 -6.57 20.70 24.73
C PRO D 233 -6.61 19.35 23.98
N ALA D 234 -5.94 19.29 22.81
CA ALA D 234 -5.89 18.05 22.04
C ALA D 234 -5.40 16.93 22.95
N LEU D 235 -4.37 17.25 23.74
CA LEU D 235 -3.78 16.31 24.68
C LEU D 235 -4.77 15.81 25.72
N PHE D 236 -5.64 16.69 26.20
CA PHE D 236 -6.64 16.29 27.22
C PHE D 236 -7.86 15.62 26.58
N SER D 237 -7.85 15.52 25.26
CA SER D 237 -8.94 14.93 24.50
C SER D 237 -9.04 13.41 24.55
N THR D 238 -10.24 12.91 24.27
CA THR D 238 -10.50 11.47 24.24
C THR D 238 -9.99 10.88 22.93
N LEU D 239 -9.81 9.57 22.89
CA LEU D 239 -9.33 8.91 21.69
C LEU D 239 -10.33 9.07 20.55
N THR D 240 -11.58 9.35 20.90
CA THR D 240 -12.62 9.55 19.90
C THR D 240 -12.53 10.95 19.29
N GLN D 241 -12.29 11.95 20.14
CA GLN D 241 -12.17 13.33 19.67
C GLN D 241 -10.89 13.52 18.87
N SER D 242 -9.79 12.98 19.39
CA SER D 242 -8.52 13.10 18.72
C SER D 242 -8.59 12.52 17.32
N ASP D 243 -9.44 11.51 17.14
CA ASP D 243 -9.61 10.90 15.82
C ASP D 243 -10.44 11.79 14.90
N ASP D 244 -11.25 12.68 15.46
CA ASP D 244 -12.06 13.59 14.66
C ASP D 244 -11.40 14.94 14.53
N ASN D 245 -10.32 15.12 15.27
CA ASN D 245 -9.55 16.36 15.25
C ASN D 245 -8.81 16.41 13.92
N PRO D 246 -9.20 17.32 13.02
CA PRO D 246 -8.52 17.41 11.72
C PRO D 246 -7.07 17.80 11.87
N ASN D 247 -6.73 18.36 13.02
CA ASN D 247 -5.36 18.81 13.29
C ASN D 247 -4.48 17.72 13.90
N ILE D 248 -4.96 16.48 13.84
CA ILE D 248 -4.19 15.34 14.32
C ILE D 248 -4.10 14.32 13.19
N ILE D 249 -2.91 14.15 12.62
CA ILE D 249 -2.71 13.19 11.55
C ILE D 249 -1.83 12.02 11.99
N ASP D 250 -2.39 10.81 11.99
CA ASP D 250 -1.68 9.61 12.39
C ASP D 250 -1.06 8.88 11.21
N GLY D 251 0.05 8.18 11.50
CA GLY D 251 0.75 7.41 10.48
C GLY D 251 1.57 6.30 11.12
N ALA D 252 2.01 5.34 10.30
CA ALA D 252 2.82 4.22 10.77
C ALA D 252 3.74 3.69 9.68
N SER D 253 5.01 3.51 10.02
CA SER D 253 5.99 3.07 9.05
C SER D 253 7.26 2.62 9.77
N ALA D 254 8.03 1.75 9.11
CA ALA D 254 9.28 1.25 9.65
C ALA D 254 10.28 2.41 9.70
N TRP D 255 10.06 3.37 8.82
CA TRP D 255 10.93 4.53 8.72
C TRP D 255 10.18 5.83 8.41
N PHE D 256 10.86 6.95 8.62
CA PHE D 256 10.32 8.28 8.36
C PHE D 256 11.45 9.23 8.01
N ASP D 257 11.19 10.10 7.05
CA ASP D 257 12.17 11.11 6.66
C ASP D 257 11.51 12.45 6.96
N ILE D 258 12.15 13.25 7.80
CA ILE D 258 11.60 14.56 8.10
C ILE D 258 12.52 15.65 7.57
N HIS D 259 11.95 16.58 6.84
CA HIS D 259 12.72 17.69 6.30
C HIS D 259 12.02 18.99 6.72
N ALA D 260 12.77 19.86 7.38
CA ALA D 260 12.24 21.13 7.84
C ALA D 260 13.15 22.26 7.40
N PRO D 261 12.69 23.10 6.46
CA PRO D 261 13.50 24.22 5.98
C PRO D 261 14.14 24.96 7.15
N HIS D 262 13.35 25.16 8.20
CA HIS D 262 13.86 25.82 9.40
C HIS D 262 14.14 24.72 10.42
N GLU D 263 15.33 24.76 10.98
CA GLU D 263 15.75 23.77 11.96
C GLU D 263 14.69 23.37 13.00
N ILE D 264 14.40 22.07 13.06
CA ILE D 264 13.45 21.53 14.02
C ILE D 264 14.28 20.77 15.03
N THR D 265 13.82 20.72 16.28
CA THR D 265 14.58 20.01 17.29
C THR D 265 13.75 18.94 17.97
N PHE D 266 14.26 17.72 17.96
CA PHE D 266 13.58 16.60 18.58
C PHE D 266 14.08 16.34 19.98
N ASN D 267 13.28 15.59 20.73
CA ASN D 267 13.64 15.22 22.08
C ASN D 267 13.57 13.70 22.06
N LEU D 268 14.72 13.05 22.10
CA LEU D 268 14.78 11.60 22.09
C LEU D 268 14.93 11.08 23.51
N ASP D 269 13.80 10.88 24.18
CA ASP D 269 13.78 10.39 25.54
C ASP D 269 14.69 11.19 26.48
N GLY D 270 14.74 12.50 26.28
CA GLY D 270 15.57 13.34 27.13
C GLY D 270 16.73 14.01 26.44
N GLU D 271 17.30 13.35 25.43
CA GLU D 271 18.42 13.92 24.71
C GLU D 271 17.94 14.76 23.53
N PRO D 272 18.39 16.02 23.45
CA PRO D 272 18.01 16.95 22.38
C PRO D 272 18.83 16.71 21.12
N LEU D 273 18.22 16.99 19.97
CA LEU D 273 18.85 16.81 18.68
C LEU D 273 18.18 17.80 17.74
N SER D 274 18.96 18.63 17.07
CA SER D 274 18.42 19.63 16.16
C SER D 274 18.94 19.48 14.73
N GLY D 275 18.23 20.07 13.79
CA GLY D 275 18.65 19.98 12.40
C GLY D 275 17.52 20.19 11.42
N GLN D 276 17.82 20.00 10.15
CA GLN D 276 16.84 20.18 9.08
C GLN D 276 16.43 18.85 8.47
N GLU D 277 17.21 17.82 8.73
CA GLU D 277 16.91 16.51 8.17
C GLU D 277 17.04 15.40 9.18
N PHE D 278 16.01 14.57 9.23
CA PHE D 278 16.04 13.44 10.15
C PHE D 278 15.57 12.17 9.47
N HIS D 279 16.38 11.13 9.57
CA HIS D 279 15.99 9.84 9.03
C HIS D 279 15.72 9.04 10.29
N ILE D 280 14.55 8.41 10.35
CA ILE D 280 14.20 7.63 11.53
C ILE D 280 13.80 6.24 11.14
N GLU D 281 14.49 5.26 11.68
CA GLU D 281 14.22 3.89 11.33
C GLU D 281 14.09 3.00 12.54
N VAL D 282 13.24 1.99 12.42
CA VAL D 282 13.09 1.05 13.51
C VAL D 282 14.16 -0.03 13.33
N LEU D 283 14.74 -0.47 14.44
CA LEU D 283 15.73 -1.54 14.43
C LEU D 283 14.97 -2.69 15.08
N PRO D 284 14.29 -3.49 14.25
CA PRO D 284 13.49 -4.64 14.69
C PRO D 284 14.19 -5.64 15.60
N GLY D 285 13.55 -5.94 16.73
CA GLY D 285 14.14 -6.88 17.67
C GLY D 285 15.61 -6.64 17.89
N ALA D 286 15.99 -5.39 18.10
CA ALA D 286 17.39 -5.04 18.32
C ALA D 286 17.89 -5.54 19.67
N LEU D 287 16.98 -5.64 20.65
CA LEU D 287 17.40 -6.13 21.96
C LEU D 287 16.31 -6.90 22.69
N ARG D 288 16.75 -7.77 23.60
CA ARG D 288 15.84 -8.55 24.42
C ARG D 288 15.60 -7.74 25.70
N CYS D 289 14.42 -7.88 26.27
CA CYS D 289 14.08 -7.14 27.47
C CYS D 289 13.11 -7.98 28.30
N ARG D 290 13.36 -8.07 29.60
CA ARG D 290 12.51 -8.85 30.47
C ARG D 290 11.25 -8.07 30.83
N LEU D 291 10.15 -8.38 30.14
CA LEU D 291 8.87 -7.72 30.37
C LEU D 291 7.90 -8.71 31.02
N PRO D 292 6.84 -8.20 31.65
CA PRO D 292 5.89 -9.12 32.28
C PRO D 292 5.17 -9.90 31.16
N PRO D 293 4.63 -11.09 31.49
CA PRO D 293 3.93 -11.91 30.48
C PRO D 293 2.84 -11.18 29.68
N ASP D 294 2.03 -10.37 30.34
CA ASP D 294 0.96 -9.64 29.69
C ASP D 294 1.30 -8.16 29.54
N CYS D 295 2.37 -7.88 28.82
CA CYS D 295 2.81 -6.50 28.61
C CYS D 295 1.98 -5.79 27.54
N PRO D 296 1.36 -4.66 27.88
CA PRO D 296 0.52 -3.86 26.99
C PRO D 296 1.17 -3.45 25.68
N LEU D 297 2.47 -3.17 25.72
CA LEU D 297 3.20 -2.74 24.53
C LEU D 297 3.60 -3.89 23.60
N LEU D 298 3.32 -5.11 24.02
CA LEU D 298 3.66 -6.29 23.23
C LEU D 298 2.55 -6.80 22.32
N ARG D 299 2.90 -6.98 21.05
CA ARG D 299 1.99 -7.47 20.02
C ARG D 299 1.39 -8.81 20.45
NA NA E . 27.18 -16.61 11.74
CA CA F . 21.71 -23.67 -1.54
CA CA G . 8.67 -8.66 -7.55
NA NA H . -29.89 12.85 -9.58
CA CA I . -27.44 15.86 5.62
CA CA J . -7.38 10.54 6.58
CA CA K . -11.10 -4.33 -14.91
CA CA L . 7.80 -12.81 -13.40
CA CA M . -27.27 9.77 -18.11
CL CL N . -15.17 -6.04 -36.29
CA CA O . 7.72 -0.44 17.45
CA CA P . -7.67 12.87 13.51
CA CA Q . 27.07 -9.84 18.15
CL CL R . 17.06 9.04 34.62
#